data_3KU9
#
_entry.id   3KU9
#
_cell.length_a   138.957
_cell.length_b   138.957
_cell.length_c   189.800
_cell.angle_alpha   90.00
_cell.angle_beta   90.00
_cell.angle_gamma   120.00
#
_symmetry.space_group_name_H-M   'P 31 2 1'
#
loop_
_entity.id
_entity.type
_entity.pdbx_description
1 polymer 'Polyamine oxidase'
2 branched 2-acetamido-2-deoxy-beta-D-glucopyranose-(1-4)-2-acetamido-2-deoxy-beta-D-glucopyranose
3 non-polymer 'FLAVIN-ADENINE DINUCLEOTIDE'
4 non-polymer 2-acetamido-2-deoxy-beta-D-glucopyranose
5 non-polymer SPERMINE
6 non-polymer 'CHLORIDE ION'
7 non-polymer 'SULFATE ION'
8 water water
#
_entity_poly.entity_id   1
_entity_poly.type   'polypeptide(L)'
_entity_poly.pdbx_seq_one_letter_code
;ATVGPRVIVVGAGMSGISAAKRLSEAGITDLLILEATDHIGGRMHKTNFAGINVELGANWVEGVNGGKMNPIWPIVNSTL
KLRNFRSDFDYLAQNVYKEDGGVYDEDYVQKRIELADSVEEMGEKLSATLHASGRDDMSILAMQRLNEHQPNGPATPVDM
VVDYYKFDYEFAEPPRVTSLQNTVPLATFSDFGDDVYFVADQRGYEAVVYYLAGQYLKTDDKSGKIVDPRLQLNKVVREI
KYSPGGVTVKTEDNSVYSADYVMVSASLGVLQSDLIQFKPKLPTWKVRAIYQFDMAVYTMIFLKFPRKFWPEGKGREFFL
YASSRRGYYGVWQEFEKQYPDANVLLVTVTDEESRRIEQQSDEQTKAEIMQVLRKMFPGKDVPDATDILVPRWWSDRFYK
GTFSNWPVGVNRYEYDQLRAPVGRVYFTGEHTSEHYNGYVHGAYLSGIDSAEILINCAQKKMCKYHVQGKYDHHHHHH
;
_entity_poly.pdbx_strand_id   A,B
#
# COMPACT_ATOMS: atom_id res chain seq x y z
N THR A 2 -1.47 33.65 -34.90
CA THR A 2 -0.75 34.87 -34.54
C THR A 2 -1.70 36.06 -34.38
N VAL A 3 -2.98 35.79 -34.66
CA VAL A 3 -4.06 36.75 -34.51
C VAL A 3 -5.31 35.93 -34.32
N GLY A 4 -6.01 36.14 -33.23
CA GLY A 4 -7.17 35.35 -32.93
C GLY A 4 -7.04 34.97 -31.49
N PRO A 5 -7.69 33.93 -31.04
CA PRO A 5 -7.54 33.60 -29.62
C PRO A 5 -6.10 33.24 -29.20
N ARG A 6 -5.81 33.43 -27.93
CA ARG A 6 -4.47 33.21 -27.42
C ARG A 6 -4.53 32.13 -26.33
N VAL A 7 -3.75 31.07 -26.54
CA VAL A 7 -3.61 30.00 -25.55
C VAL A 7 -2.20 30.05 -25.00
N ILE A 8 -2.06 30.09 -23.67
CA ILE A 8 -0.80 29.80 -22.98
C ILE A 8 -0.75 28.32 -22.57
N VAL A 9 0.29 27.64 -23.02
CA VAL A 9 0.53 26.25 -22.66
C VAL A 9 1.59 26.19 -21.55
N VAL A 10 1.22 25.68 -20.38
CA VAL A 10 2.18 25.49 -19.29
C VAL A 10 2.93 24.18 -19.48
N GLY A 11 4.22 24.29 -19.84
CA GLY A 11 5.12 23.15 -19.91
C GLY A 11 5.41 22.65 -21.32
N ALA A 12 6.69 22.39 -21.58
CA ALA A 12 7.15 21.95 -22.91
C ALA A 12 7.62 20.51 -22.89
N GLY A 13 7.02 19.70 -22.02
CA GLY A 13 7.12 18.23 -22.11
C GLY A 13 6.41 17.71 -23.33
N MET A 14 6.31 16.39 -23.43
CA MET A 14 5.67 15.73 -24.59
C MET A 14 4.20 16.11 -24.80
N SER A 15 3.39 16.12 -23.73
CA SER A 15 1.98 16.53 -23.90
C SER A 15 1.82 18.04 -24.20
N GLY A 16 2.62 18.87 -23.53
CA GLY A 16 2.69 20.30 -23.85
C GLY A 16 2.99 20.60 -25.31
N ILE A 17 4.06 19.97 -25.83
CA ILE A 17 4.42 20.10 -27.26
C ILE A 17 3.31 19.53 -28.17
N SER A 18 2.85 18.33 -27.85
CA SER A 18 1.83 17.67 -28.64
C SER A 18 0.54 18.47 -28.72
N ALA A 19 0.14 19.07 -27.60
CA ALA A 19 -1.03 19.94 -27.58
C ALA A 19 -0.84 21.15 -28.52
N ALA A 20 0.27 21.87 -28.32
CA ALA A 20 0.53 23.13 -29.02
C ALA A 20 0.61 22.91 -30.53
N LYS A 21 1.07 21.72 -30.94
CA LYS A 21 1.09 21.31 -32.34
C LYS A 21 -0.32 21.21 -32.93
N ARG A 22 -1.18 20.43 -32.29
CA ARG A 22 -2.55 20.27 -32.72
C ARG A 22 -3.27 21.60 -32.70
N LEU A 23 -2.91 22.46 -31.76
CA LEU A 23 -3.50 23.78 -31.68
C LEU A 23 -3.08 24.60 -32.88
N SER A 24 -1.79 24.59 -33.17
CA SER A 24 -1.25 25.34 -34.30
C SER A 24 -1.91 24.88 -35.58
N GLU A 25 -2.05 23.57 -35.74
CA GLU A 25 -2.62 22.95 -36.93
C GLU A 25 -4.07 23.32 -37.16
N ALA A 26 -4.79 23.56 -36.07
CA ALA A 26 -6.21 23.87 -36.15
C ALA A 26 -6.40 25.31 -36.57
N GLY A 27 -5.30 26.07 -36.53
CA GLY A 27 -5.35 27.50 -36.77
C GLY A 27 -5.03 28.37 -35.57
N ILE A 28 -5.13 27.80 -34.35
CA ILE A 28 -4.75 28.49 -33.12
C ILE A 28 -3.22 28.58 -32.96
N THR A 29 -2.68 29.63 -33.53
CA THR A 29 -1.24 29.76 -33.68
C THR A 29 -0.67 30.80 -32.71
N ASP A 30 -1.54 31.53 -32.03
CA ASP A 30 -1.14 32.48 -31.00
C ASP A 30 -0.81 31.74 -29.72
N LEU A 31 0.33 31.09 -29.67
CA LEU A 31 0.62 30.19 -28.59
C LEU A 31 1.78 30.74 -27.78
N LEU A 32 1.67 30.65 -26.47
CA LEU A 32 2.82 30.91 -25.63
C LEU A 32 3.08 29.69 -24.77
N ILE A 33 4.19 29.00 -25.06
CA ILE A 33 4.64 27.89 -24.22
C ILE A 33 5.64 28.35 -23.16
N LEU A 34 5.20 28.35 -21.91
CA LEU A 34 6.09 28.63 -20.78
C LEU A 34 6.67 27.34 -20.19
N GLU A 35 7.96 27.12 -20.39
CA GLU A 35 8.65 25.92 -19.89
C GLU A 35 9.52 26.22 -18.67
N ALA A 36 9.23 25.54 -17.55
CA ALA A 36 9.93 25.78 -16.28
C ALA A 36 11.46 25.59 -16.33
N THR A 37 11.93 24.52 -16.97
CA THR A 37 13.37 24.28 -17.05
C THR A 37 13.95 24.95 -18.29
N ASP A 38 15.22 24.66 -18.58
CA ASP A 38 15.97 25.28 -19.66
C ASP A 38 15.96 24.42 -20.93
N HIS A 39 15.02 23.49 -20.99
CA HIS A 39 14.93 22.62 -22.15
C HIS A 39 13.52 22.05 -22.24
N ILE A 40 13.10 21.74 -23.47
CA ILE A 40 11.85 21.03 -23.71
C ILE A 40 12.05 19.54 -23.49
N GLY A 41 10.96 18.76 -23.46
CA GLY A 41 11.03 17.30 -23.46
C GLY A 41 10.64 16.66 -22.13
N GLY A 42 10.80 17.41 -21.05
CA GLY A 42 10.23 17.02 -19.77
C GLY A 42 10.81 15.72 -19.22
N ARG A 43 9.96 14.72 -19.10
CA ARG A 43 10.37 13.44 -18.53
C ARG A 43 10.96 12.49 -19.59
N MET A 44 11.18 13.02 -20.79
CA MET A 44 12.09 12.39 -21.73
C MET A 44 13.40 13.16 -21.76
N HIS A 45 14.35 12.69 -20.96
CA HIS A 45 15.55 13.45 -20.74
C HIS A 45 16.75 12.55 -20.63
N LYS A 46 17.72 12.79 -21.52
CA LYS A 46 19.02 12.09 -21.53
C LYS A 46 20.07 12.84 -20.71
N THR A 47 21.20 12.20 -20.48
CA THR A 47 22.28 12.76 -19.67
C THR A 47 23.57 11.99 -19.91
N ASN A 48 24.70 12.63 -19.66
CA ASN A 48 25.99 11.98 -19.80
C ASN A 48 26.39 11.17 -18.57
N PHE A 49 26.50 9.87 -18.74
CA PHE A 49 26.99 9.01 -17.68
C PHE A 49 28.19 8.27 -18.20
N ALA A 50 29.29 8.32 -17.46
CA ALA A 50 30.52 7.78 -17.96
C ALA A 50 30.79 8.58 -19.20
N GLY A 51 31.01 7.90 -20.30
CA GLY A 51 31.22 8.58 -21.54
C GLY A 51 30.04 8.43 -22.44
N ILE A 52 28.96 7.84 -21.93
CA ILE A 52 27.78 7.66 -22.78
C ILE A 52 26.61 8.56 -22.40
N ASN A 53 25.65 8.65 -23.30
CA ASN A 53 24.39 9.25 -22.98
C ASN A 53 23.41 8.18 -22.55
N VAL A 54 22.89 8.32 -21.34
CA VAL A 54 21.82 7.44 -20.88
C VAL A 54 20.57 8.25 -20.57
N GLU A 55 19.45 7.55 -20.36
CA GLU A 55 18.17 8.17 -20.13
C GLU A 55 17.89 8.26 -18.62
N LEU A 56 17.50 9.43 -18.13
CA LEU A 56 16.95 9.58 -16.78
C LEU A 56 15.45 9.29 -16.70
N GLY A 57 14.74 9.64 -17.75
CA GLY A 57 13.32 9.44 -17.80
C GLY A 57 12.98 8.20 -18.60
N ALA A 58 11.97 8.33 -19.45
CA ALA A 58 11.50 7.25 -20.27
C ALA A 58 12.62 6.69 -21.14
N ASN A 59 12.62 5.36 -21.24
CA ASN A 59 13.66 4.62 -21.95
C ASN A 59 13.04 3.65 -22.97
N TRP A 60 11.75 3.40 -22.86
CA TRP A 60 11.10 2.40 -23.68
C TRP A 60 9.99 2.94 -24.56
N VAL A 61 9.76 2.26 -25.67
CA VAL A 61 8.54 2.42 -26.41
C VAL A 61 7.77 1.18 -26.04
N GLU A 62 6.77 1.32 -25.18
CA GLU A 62 6.05 0.16 -24.68
C GLU A 62 4.76 -0.03 -25.44
N GLY A 63 4.57 -1.23 -25.96
CA GLY A 63 3.43 -1.51 -26.82
C GLY A 63 3.81 -1.33 -28.28
N VAL A 64 4.40 -2.37 -28.85
CA VAL A 64 4.79 -2.40 -30.25
C VAL A 64 4.34 -3.76 -30.78
N ASN A 65 4.14 -3.88 -32.09
CA ASN A 65 3.95 -5.19 -32.72
C ASN A 65 2.57 -5.78 -32.51
N GLY A 66 1.60 -4.95 -32.18
CA GLY A 66 0.25 -5.44 -31.90
C GLY A 66 -0.80 -5.02 -32.92
N GLY A 67 -2.06 -5.11 -32.53
CA GLY A 67 -3.18 -4.83 -33.43
C GLY A 67 -3.24 -3.42 -33.96
N LYS A 68 -2.78 -2.45 -33.18
CA LYS A 68 -2.83 -1.05 -33.56
C LYS A 68 -1.45 -0.45 -33.42
N MET A 69 -1.16 0.51 -34.30
CA MET A 69 0.13 1.20 -34.32
C MET A 69 0.26 2.22 -33.19
N ASN A 70 1.19 1.99 -32.29
CA ASN A 70 1.56 2.97 -31.30
C ASN A 70 2.21 4.17 -31.99
N PRO A 71 1.63 5.37 -31.79
CA PRO A 71 2.01 6.54 -32.57
C PRO A 71 3.47 6.95 -32.32
N ILE A 72 4.00 6.63 -31.15
CA ILE A 72 5.40 6.91 -30.87
C ILE A 72 6.32 6.08 -31.81
N TRP A 73 5.90 4.84 -32.09
CA TRP A 73 6.77 3.89 -32.79
C TRP A 73 7.27 4.33 -34.18
N PRO A 74 6.33 4.69 -35.10
CA PRO A 74 6.80 5.20 -36.37
C PRO A 74 7.86 6.32 -36.25
N ILE A 75 7.64 7.30 -35.35
CA ILE A 75 8.56 8.44 -35.18
C ILE A 75 9.95 7.92 -34.80
N VAL A 76 9.98 7.01 -33.82
CA VAL A 76 11.22 6.40 -33.32
C VAL A 76 11.86 5.54 -34.42
N ASN A 77 11.17 4.51 -34.88
CA ASN A 77 11.79 3.53 -35.76
C ASN A 77 12.00 3.95 -37.20
N SER A 78 11.12 4.78 -37.74
CA SER A 78 11.21 5.15 -39.15
C SER A 78 11.69 6.58 -39.35
N THR A 79 10.97 7.53 -38.81
CA THR A 79 11.31 8.93 -39.03
C THR A 79 12.72 9.28 -38.57
N LEU A 80 12.97 9.17 -37.27
CA LEU A 80 14.25 9.54 -36.72
C LEU A 80 15.19 8.35 -36.67
N LYS A 81 14.67 7.18 -36.95
CA LYS A 81 15.47 5.97 -36.88
C LYS A 81 16.37 6.06 -35.67
N LEU A 82 15.77 5.98 -34.50
CA LEU A 82 16.53 6.03 -33.26
C LEU A 82 17.00 4.64 -32.92
N ARG A 83 18.25 4.51 -32.51
CA ARG A 83 18.78 3.20 -32.18
C ARG A 83 17.98 2.54 -31.03
N ASN A 84 17.60 1.27 -31.20
CA ASN A 84 16.74 0.61 -30.21
C ASN A 84 16.75 -0.92 -30.27
N PHE A 85 16.29 -1.55 -29.20
CA PHE A 85 16.37 -3.01 -29.07
C PHE A 85 15.15 -3.57 -28.41
N ARG A 86 14.51 -4.55 -29.04
CA ARG A 86 13.43 -5.31 -28.40
C ARG A 86 13.94 -5.95 -27.13
N SER A 87 13.20 -5.79 -26.03
CA SER A 87 13.56 -6.43 -24.76
C SER A 87 13.09 -7.87 -24.72
N ASP A 88 13.96 -8.76 -24.25
CA ASP A 88 13.58 -10.17 -24.15
C ASP A 88 13.61 -10.72 -22.71
N PHE A 89 12.42 -10.91 -22.17
CA PHE A 89 12.27 -11.27 -20.78
C PHE A 89 12.07 -12.77 -20.62
N ASP A 90 12.16 -13.49 -21.76
CA ASP A 90 12.00 -14.93 -21.81
C ASP A 90 12.94 -15.74 -20.91
N TYR A 91 14.05 -15.17 -20.49
CA TYR A 91 15.04 -15.98 -19.81
C TYR A 91 15.12 -15.80 -18.32
N LEU A 92 14.19 -15.03 -17.76
CA LEU A 92 14.35 -14.52 -16.39
C LEU A 92 14.54 -15.64 -15.38
N ALA A 93 13.92 -16.81 -15.66
CA ALA A 93 14.02 -17.99 -14.80
C ALA A 93 15.47 -18.40 -14.57
N GLN A 94 16.27 -18.30 -15.63
CA GLN A 94 17.71 -18.55 -15.58
C GLN A 94 18.49 -17.53 -14.78
N ASN A 95 17.85 -16.44 -14.37
CA ASN A 95 18.60 -15.25 -13.99
C ASN A 95 18.13 -14.59 -12.69
N VAL A 96 17.62 -15.41 -11.78
CA VAL A 96 17.17 -14.91 -10.48
C VAL A 96 18.17 -15.32 -9.40
N TYR A 97 18.76 -14.34 -8.74
CA TYR A 97 19.81 -14.59 -7.75
C TYR A 97 19.27 -14.76 -6.33
N LYS A 98 19.69 -15.86 -5.69
CA LYS A 98 19.58 -16.06 -4.24
C LYS A 98 20.23 -14.96 -3.39
N GLU A 99 19.51 -14.54 -2.35
CA GLU A 99 19.91 -13.45 -1.46
C GLU A 99 21.35 -13.63 -0.99
N ASP A 100 21.71 -14.86 -0.63
CA ASP A 100 23.11 -15.22 -0.41
C ASP A 100 23.61 -16.30 -1.36
N GLY A 101 24.39 -15.90 -2.35
CA GLY A 101 25.08 -16.82 -3.24
C GLY A 101 24.27 -17.34 -4.41
N GLY A 102 24.40 -16.68 -5.55
CA GLY A 102 24.26 -17.34 -6.85
C GLY A 102 22.83 -17.65 -7.23
N VAL A 103 22.63 -18.24 -8.40
CA VAL A 103 21.31 -18.34 -9.00
C VAL A 103 20.41 -19.47 -8.50
N TYR A 104 19.10 -19.25 -8.55
CA TYR A 104 18.18 -20.34 -8.28
C TYR A 104 18.21 -21.36 -9.39
N ASP A 105 17.60 -22.50 -9.09
CA ASP A 105 17.35 -23.55 -10.07
CA ASP A 105 17.35 -23.54 -10.09
C ASP A 105 16.32 -23.04 -11.10
N GLU A 106 16.70 -23.07 -12.38
CA GLU A 106 15.84 -22.54 -13.45
C GLU A 106 14.45 -23.12 -13.38
N ASP A 107 14.40 -24.44 -13.28
CA ASP A 107 13.17 -25.23 -13.33
CA ASP A 107 13.16 -25.18 -13.36
C ASP A 107 12.23 -24.79 -12.21
N TYR A 108 12.85 -24.46 -11.08
CA TYR A 108 12.13 -24.00 -9.88
C TYR A 108 11.45 -22.66 -10.11
N VAL A 109 12.27 -21.65 -10.41
CA VAL A 109 11.82 -20.30 -10.76
C VAL A 109 10.76 -20.34 -11.86
N GLN A 110 11.05 -21.05 -12.95
CA GLN A 110 10.09 -21.16 -14.04
C GLN A 110 8.67 -21.54 -13.57
N LYS A 111 8.60 -22.40 -12.56
CA LYS A 111 7.32 -22.80 -12.03
C LYS A 111 6.62 -21.62 -11.38
N ARG A 112 7.30 -20.99 -10.41
CA ARG A 112 6.76 -19.82 -9.71
C ARG A 112 6.33 -18.72 -10.68
N ILE A 113 7.19 -18.43 -11.66
CA ILE A 113 6.80 -17.59 -12.80
C ILE A 113 5.48 -18.05 -13.44
N GLU A 114 5.44 -19.29 -13.94
CA GLU A 114 4.24 -19.80 -14.62
C GLU A 114 3.00 -19.62 -13.72
N LEU A 115 3.20 -19.87 -12.42
CA LEU A 115 2.14 -19.81 -11.43
C LEU A 115 1.62 -18.37 -11.22
N ALA A 116 2.57 -17.44 -11.08
CA ALA A 116 2.30 -15.99 -11.11
C ALA A 116 1.53 -15.56 -12.35
N ASP A 117 1.95 -16.06 -13.51
CA ASP A 117 1.37 -15.68 -14.78
C ASP A 117 -0.10 -16.06 -14.86
N SER A 118 -0.47 -17.14 -14.20
CA SER A 118 -1.79 -17.71 -14.38
C SER A 118 -2.73 -17.13 -13.36
N VAL A 119 -2.19 -16.71 -12.22
CA VAL A 119 -2.96 -15.89 -11.28
C VAL A 119 -3.39 -14.61 -12.01
N GLU A 120 -2.44 -14.01 -12.74
CA GLU A 120 -2.69 -12.77 -13.46
C GLU A 120 -3.63 -12.96 -14.67
N GLU A 121 -3.50 -14.12 -15.33
CA GLU A 121 -4.46 -14.55 -16.34
C GLU A 121 -5.87 -14.70 -15.75
N MET A 122 -5.96 -15.28 -14.55
CA MET A 122 -7.22 -15.34 -13.80
CA MET A 122 -7.22 -15.33 -13.81
C MET A 122 -7.78 -13.93 -13.51
N GLY A 123 -6.89 -13.01 -13.14
CA GLY A 123 -7.31 -11.67 -12.79
C GLY A 123 -7.72 -10.87 -14.02
N GLU A 124 -7.08 -11.17 -15.14
CA GLU A 124 -7.52 -10.66 -16.44
C GLU A 124 -8.98 -11.04 -16.74
N LYS A 125 -9.30 -12.32 -16.61
CA LYS A 125 -10.64 -12.80 -16.86
C LYS A 125 -11.68 -12.11 -15.96
N LEU A 126 -11.38 -12.04 -14.66
CA LEU A 126 -12.25 -11.43 -13.65
C LEU A 126 -12.49 -9.95 -13.94
N SER A 127 -11.42 -9.27 -14.36
CA SER A 127 -11.45 -7.83 -14.63
C SER A 127 -12.47 -7.50 -15.71
N ALA A 128 -12.52 -8.36 -16.73
CA ALA A 128 -13.41 -8.16 -17.86
C ALA A 128 -14.87 -8.33 -17.43
N THR A 129 -15.11 -9.08 -16.37
CA THR A 129 -16.48 -9.25 -15.88
C THR A 129 -16.96 -8.07 -15.06
N LEU A 130 -16.04 -7.25 -14.55
CA LEU A 130 -16.38 -6.17 -13.60
C LEU A 130 -17.23 -5.07 -14.24
N HIS A 131 -18.14 -4.48 -13.48
CA HIS A 131 -18.96 -3.35 -13.96
C HIS A 131 -18.18 -2.09 -14.28
N ALA A 132 -18.59 -1.40 -15.33
CA ALA A 132 -17.86 -0.28 -15.91
C ALA A 132 -17.84 0.96 -15.01
N SER A 133 -18.72 0.99 -14.02
CA SER A 133 -18.66 2.04 -13.01
C SER A 133 -17.54 1.79 -11.98
N GLY A 134 -16.81 0.69 -12.17
CA GLY A 134 -16.03 0.04 -11.10
C GLY A 134 -16.70 -0.06 -9.73
N ARG A 135 -17.98 -0.39 -9.69
CA ARG A 135 -18.66 -0.60 -8.43
C ARG A 135 -17.99 -1.74 -7.70
N ASP A 136 -17.48 -2.70 -8.46
CA ASP A 136 -16.91 -3.90 -7.90
C ASP A 136 -15.44 -4.13 -8.34
N ASP A 137 -14.67 -3.04 -8.42
CA ASP A 137 -13.21 -3.11 -8.62
C ASP A 137 -12.48 -3.53 -7.34
N MET A 138 -11.21 -3.93 -7.47
CA MET A 138 -10.35 -4.29 -6.32
C MET A 138 -8.89 -4.03 -6.63
N SER A 139 -8.05 -4.17 -5.61
CA SER A 139 -6.62 -4.05 -5.82
C SER A 139 -6.10 -5.31 -6.49
N ILE A 140 -5.07 -5.19 -7.30
CA ILE A 140 -4.39 -6.36 -7.87
C ILE A 140 -4.15 -7.43 -6.78
N LEU A 141 -3.59 -7.03 -5.64
CA LEU A 141 -3.41 -7.93 -4.51
C LEU A 141 -4.69 -8.69 -4.04
N ALA A 142 -5.83 -8.02 -3.94
CA ALA A 142 -7.06 -8.73 -3.51
C ALA A 142 -7.41 -9.85 -4.50
N MET A 143 -7.39 -9.52 -5.78
CA MET A 143 -7.48 -10.52 -6.83
C MET A 143 -6.47 -11.65 -6.63
N GLN A 144 -5.25 -11.33 -6.19
CA GLN A 144 -4.23 -12.37 -5.94
C GLN A 144 -4.62 -13.26 -4.77
N ARG A 145 -5.11 -12.64 -3.69
CA ARG A 145 -5.56 -13.37 -2.50
C ARG A 145 -6.70 -14.29 -2.84
N LEU A 146 -7.70 -13.74 -3.56
CA LEU A 146 -8.87 -14.47 -4.05
C LEU A 146 -8.45 -15.77 -4.73
N ASN A 147 -7.52 -15.65 -5.66
CA ASN A 147 -7.01 -16.78 -6.42
C ASN A 147 -6.07 -17.69 -5.66
N GLU A 148 -5.11 -17.14 -4.95
CA GLU A 148 -4.15 -17.96 -4.21
C GLU A 148 -4.75 -18.57 -2.93
N HIS A 149 -6.01 -18.22 -2.60
CA HIS A 149 -6.72 -18.68 -1.38
C HIS A 149 -6.05 -18.42 -0.04
N GLN A 150 -5.70 -17.16 0.21
CA GLN A 150 -4.66 -16.80 1.18
C GLN A 150 -4.97 -15.43 1.76
N PRO A 151 -4.56 -15.19 3.02
CA PRO A 151 -4.72 -13.84 3.58
C PRO A 151 -3.78 -12.80 2.99
N ASN A 152 -2.91 -13.19 2.05
CA ASN A 152 -1.82 -12.32 1.64
C ASN A 152 -1.38 -12.65 0.21
N GLY A 153 -0.55 -11.79 -0.41
CA GLY A 153 -0.04 -12.06 -1.77
C GLY A 153 1.32 -12.74 -1.75
N PRO A 154 2.06 -12.74 -2.89
CA PRO A 154 3.42 -13.33 -2.91
C PRO A 154 4.31 -12.83 -1.76
N ALA A 155 4.74 -13.72 -0.87
CA ALA A 155 5.32 -13.31 0.40
C ALA A 155 6.67 -13.98 0.72
N THR A 156 7.31 -14.56 -0.30
CA THR A 156 8.59 -15.25 -0.11
C THR A 156 9.53 -14.73 -1.17
N PRO A 157 10.85 -14.65 -0.86
CA PRO A 157 11.80 -13.91 -1.69
C PRO A 157 11.67 -14.05 -3.22
N VAL A 158 11.58 -15.28 -3.75
CA VAL A 158 11.44 -15.43 -5.20
C VAL A 158 10.09 -14.92 -5.67
N ASP A 159 9.04 -15.44 -5.06
CA ASP A 159 7.69 -15.04 -5.40
C ASP A 159 7.49 -13.51 -5.50
N MET A 160 8.05 -12.78 -4.54
CA MET A 160 7.96 -11.32 -4.48
C MET A 160 8.75 -10.64 -5.59
N VAL A 161 10.02 -10.97 -5.75
CA VAL A 161 10.81 -10.31 -6.79
C VAL A 161 10.14 -10.58 -8.14
N VAL A 162 9.50 -11.75 -8.28
CA VAL A 162 8.73 -12.07 -9.49
C VAL A 162 7.49 -11.19 -9.59
N ASP A 163 6.76 -11.06 -8.47
CA ASP A 163 5.62 -10.14 -8.31
C ASP A 163 6.02 -8.71 -8.65
N TYR A 164 7.07 -8.24 -7.96
CA TYR A 164 7.71 -6.96 -8.25
C TYR A 164 8.03 -6.77 -9.73
N TYR A 165 8.69 -7.75 -10.34
CA TYR A 165 9.01 -7.67 -11.77
C TYR A 165 7.73 -7.51 -12.57
N LYS A 166 6.74 -8.35 -12.26
CA LYS A 166 5.50 -8.38 -13.01
C LYS A 166 4.72 -7.08 -12.89
N PHE A 167 4.84 -6.39 -11.74
CA PHE A 167 3.95 -5.25 -11.45
C PHE A 167 4.63 -3.94 -11.10
N ASP A 168 5.34 -3.92 -9.97
CA ASP A 168 6.09 -2.74 -9.50
C ASP A 168 6.99 -2.19 -10.60
N TYR A 169 7.70 -3.10 -11.28
CA TYR A 169 8.61 -2.76 -12.34
C TYR A 169 7.89 -2.11 -13.54
N GLU A 170 6.55 -2.20 -13.56
CA GLU A 170 5.74 -1.59 -14.63
C GLU A 170 5.00 -0.35 -14.15
N PHE A 171 4.41 -0.39 -12.95
CA PHE A 171 3.56 0.71 -12.48
C PHE A 171 4.16 1.49 -11.32
N ALA A 172 5.38 1.14 -10.90
CA ALA A 172 6.12 1.84 -9.83
C ALA A 172 5.47 1.87 -8.44
N GLU A 173 4.46 1.02 -8.23
CA GLU A 173 3.77 0.87 -6.93
C GLU A 173 3.33 -0.58 -6.72
N PRO A 174 3.30 -1.06 -5.46
CA PRO A 174 2.94 -2.46 -5.22
C PRO A 174 1.53 -2.81 -5.72
N PRO A 175 1.30 -4.08 -6.12
CA PRO A 175 -0.04 -4.46 -6.59
C PRO A 175 -1.16 -4.05 -5.61
N ARG A 176 -0.84 -3.90 -4.34
CA ARG A 176 -1.84 -3.71 -3.30
C ARG A 176 -2.38 -2.27 -3.20
N VAL A 177 -1.82 -1.36 -3.99
CA VAL A 177 -2.40 -0.03 -4.11
C VAL A 177 -3.04 0.16 -5.47
N THR A 178 -2.65 -0.67 -6.43
CA THR A 178 -3.07 -0.56 -7.83
C THR A 178 -4.43 -1.18 -8.12
N SER A 179 -5.31 -0.41 -8.76
CA SER A 179 -6.61 -0.90 -9.24
C SER A 179 -6.49 -2.05 -10.27
N LEU A 180 -7.17 -3.16 -10.02
CA LEU A 180 -7.17 -4.30 -10.93
C LEU A 180 -7.78 -3.93 -12.30
N GLN A 181 -8.93 -3.26 -12.24
CA GLN A 181 -9.76 -3.05 -13.41
C GLN A 181 -9.02 -2.23 -14.43
N ASN A 182 -8.04 -1.45 -13.98
CA ASN A 182 -7.38 -0.49 -14.83
C ASN A 182 -5.90 -0.79 -15.06
N THR A 183 -5.45 -1.99 -14.74
CA THR A 183 -4.08 -2.31 -15.09
C THR A 183 -3.99 -3.73 -15.63
N VAL A 184 -5.01 -4.52 -15.29
CA VAL A 184 -5.04 -5.93 -15.65
C VAL A 184 -6.28 -6.18 -16.51
N PRO A 185 -6.11 -6.31 -17.84
CA PRO A 185 -4.92 -6.10 -18.68
C PRO A 185 -4.69 -4.62 -19.00
N LEU A 186 -3.57 -4.29 -19.65
CA LEU A 186 -3.17 -2.91 -19.88
C LEU A 186 -3.44 -2.49 -21.32
N ALA A 187 -4.28 -1.47 -21.52
CA ALA A 187 -4.55 -0.97 -22.86
C ALA A 187 -3.29 -0.71 -23.69
N THR A 188 -2.18 -0.31 -23.08
CA THR A 188 -0.95 -0.12 -23.86
C THR A 188 -0.63 -1.41 -24.61
N PHE A 189 -0.73 -2.52 -23.90
CA PHE A 189 -0.29 -3.80 -24.43
C PHE A 189 -1.35 -4.51 -25.26
N SER A 190 -2.59 -4.49 -24.79
CA SER A 190 -3.72 -5.01 -25.56
C SER A 190 -3.85 -4.28 -26.87
N ASP A 191 -3.58 -2.97 -26.90
CA ASP A 191 -3.84 -2.20 -28.10
C ASP A 191 -2.65 -2.17 -29.04
N PHE A 192 -1.45 -1.97 -28.52
CA PHE A 192 -0.33 -1.63 -29.41
C PHE A 192 0.64 -2.78 -29.57
N GLY A 193 0.43 -3.87 -28.81
CA GLY A 193 1.32 -5.03 -28.81
C GLY A 193 1.94 -5.28 -27.46
N ASP A 194 2.53 -6.46 -27.27
CA ASP A 194 3.18 -6.82 -26.00
C ASP A 194 4.62 -6.37 -25.90
N ASP A 195 5.20 -5.96 -27.01
CA ASP A 195 6.64 -5.74 -27.07
C ASP A 195 7.05 -4.40 -26.49
N VAL A 196 8.20 -4.37 -25.83
CA VAL A 196 8.81 -3.11 -25.48
C VAL A 196 10.19 -2.94 -26.18
N TYR A 197 10.50 -1.72 -26.61
CA TYR A 197 11.78 -1.42 -27.28
C TYR A 197 12.63 -0.41 -26.53
N PHE A 198 13.91 -0.74 -26.34
CA PHE A 198 14.80 0.06 -25.52
C PHE A 198 15.57 1.04 -26.40
N VAL A 199 15.23 2.33 -26.27
CA VAL A 199 15.89 3.36 -27.06
C VAL A 199 17.27 3.61 -26.49
N ALA A 200 18.29 3.30 -27.28
CA ALA A 200 19.65 3.66 -26.93
C ALA A 200 20.29 4.36 -28.11
N ASP A 201 20.14 5.67 -28.17
CA ASP A 201 20.58 6.43 -29.32
C ASP A 201 21.08 7.78 -28.84
N GLN A 202 22.35 8.11 -29.03
CA GLN A 202 22.96 9.17 -28.24
C GLN A 202 22.32 10.57 -28.45
N ARG A 203 21.45 10.66 -29.45
CA ARG A 203 20.49 11.78 -29.60
C ARG A 203 19.46 11.97 -28.49
N GLY A 204 19.04 10.88 -27.86
CA GLY A 204 18.08 10.94 -26.77
C GLY A 204 16.72 10.52 -27.28
N TYR A 205 15.99 9.79 -26.45
CA TYR A 205 14.58 9.53 -26.67
C TYR A 205 13.83 10.87 -26.83
N GLU A 206 14.26 11.88 -26.07
CA GLU A 206 13.75 13.24 -26.19
C GLU A 206 13.73 13.76 -27.63
N ALA A 207 14.56 13.17 -28.47
CA ALA A 207 14.58 13.53 -29.89
C ALA A 207 13.17 13.52 -30.48
N VAL A 208 12.31 12.64 -29.97
CA VAL A 208 10.94 12.57 -30.47
C VAL A 208 10.20 13.88 -30.23
N VAL A 209 10.38 14.44 -29.04
CA VAL A 209 9.70 15.69 -28.69
C VAL A 209 10.27 16.86 -29.50
N TYR A 210 11.60 16.90 -29.60
CA TYR A 210 12.27 17.94 -30.38
C TYR A 210 11.76 17.92 -31.79
N TYR A 211 11.61 16.72 -32.32
CA TYR A 211 11.14 16.55 -33.66
C TYR A 211 9.72 17.10 -33.90
N LEU A 212 8.78 16.75 -33.01
CA LEU A 212 7.42 17.26 -33.10
C LEU A 212 7.38 18.78 -32.91
N ALA A 213 8.28 19.27 -32.06
CA ALA A 213 8.39 20.72 -31.80
C ALA A 213 8.76 21.48 -33.09
N GLY A 214 9.54 20.82 -33.93
CA GLY A 214 10.10 21.45 -35.09
C GLY A 214 9.13 21.38 -36.23
N GLN A 215 8.05 20.63 -36.07
CA GLN A 215 6.92 20.67 -36.99
C GLN A 215 6.25 22.02 -37.12
N TYR A 216 6.19 22.79 -36.03
CA TYR A 216 5.45 24.05 -36.00
C TYR A 216 6.22 25.25 -35.40
N LEU A 217 7.38 25.02 -34.80
CA LEU A 217 8.10 26.12 -34.12
C LEU A 217 9.32 26.53 -34.91
N LYS A 218 9.50 27.83 -35.12
CA LYS A 218 10.58 28.35 -35.91
C LYS A 218 11.92 27.91 -35.34
N THR A 219 12.74 27.27 -36.17
CA THR A 219 14.04 26.72 -35.78
C THR A 219 15.14 27.26 -36.68
N ASP A 220 16.33 27.46 -36.12
CA ASP A 220 17.42 28.02 -36.90
C ASP A 220 17.87 27.11 -38.04
N ASP A 221 17.99 27.74 -39.22
CA ASP A 221 18.31 27.01 -40.44
CA ASP A 221 18.33 27.07 -40.47
C ASP A 221 19.74 26.47 -40.40
N LYS A 222 20.64 27.15 -39.72
CA LYS A 222 21.99 26.64 -39.67
C LYS A 222 22.17 25.72 -38.50
N SER A 223 21.74 26.16 -37.32
CA SER A 223 22.06 25.40 -36.11
C SER A 223 21.06 24.28 -35.85
N GLY A 224 19.76 24.57 -36.00
CA GLY A 224 18.72 23.59 -35.72
C GLY A 224 17.89 23.89 -34.48
N LYS A 225 18.49 24.60 -33.52
CA LYS A 225 17.79 25.09 -32.33
C LYS A 225 16.47 25.79 -32.68
N ILE A 226 15.41 25.42 -31.96
CA ILE A 226 14.19 26.22 -31.93
C ILE A 226 14.54 27.63 -31.49
N VAL A 227 13.94 28.59 -32.16
CA VAL A 227 14.23 30.01 -31.92
C VAL A 227 12.93 30.76 -31.84
N ASP A 228 11.84 30.05 -32.14
CA ASP A 228 10.49 30.59 -32.05
C ASP A 228 10.23 31.36 -30.74
N PRO A 229 9.97 32.67 -30.84
CA PRO A 229 9.64 33.50 -29.68
C PRO A 229 8.49 32.94 -28.83
N ARG A 230 7.75 31.96 -29.37
CA ARG A 230 6.54 31.51 -28.71
C ARG A 230 6.87 30.50 -27.62
N LEU A 231 8.07 29.91 -27.74
CA LEU A 231 8.63 29.01 -26.74
C LEU A 231 9.49 29.76 -25.72
N GLN A 232 9.13 29.63 -24.45
CA GLN A 232 9.80 30.40 -23.40
C GLN A 232 10.32 29.50 -22.29
N LEU A 233 11.61 29.18 -22.39
CA LEU A 233 12.32 28.36 -21.40
C LEU A 233 12.60 29.12 -20.10
N ASN A 234 12.93 28.37 -19.05
CA ASN A 234 13.19 28.95 -17.74
C ASN A 234 12.07 29.84 -17.23
N LYS A 235 10.84 29.43 -17.54
CA LYS A 235 9.67 30.20 -17.17
C LYS A 235 8.76 29.39 -16.25
N VAL A 236 8.88 29.64 -14.95
CA VAL A 236 8.24 28.83 -13.91
C VAL A 236 6.89 29.44 -13.57
N VAL A 237 5.82 28.79 -13.99
CA VAL A 237 4.48 29.32 -13.78
C VAL A 237 4.09 29.13 -12.32
N ARG A 238 3.69 30.21 -11.65
CA ARG A 238 3.42 30.11 -10.24
C ARG A 238 1.98 30.38 -9.87
N GLU A 239 1.27 31.09 -10.72
CA GLU A 239 -0.12 31.46 -10.45
C GLU A 239 -0.94 31.48 -11.73
N ILE A 240 -2.15 30.96 -11.64
CA ILE A 240 -3.10 30.98 -12.74
C ILE A 240 -4.38 31.58 -12.20
N LYS A 241 -4.73 32.75 -12.74
CA LYS A 241 -5.98 33.40 -12.41
C LYS A 241 -6.91 33.16 -13.58
N TYR A 242 -8.12 32.70 -13.29
CA TYR A 242 -9.07 32.41 -14.34
C TYR A 242 -10.40 32.97 -13.91
N SER A 243 -10.97 33.81 -14.74
CA SER A 243 -12.37 34.13 -14.62
C SER A 243 -13.07 33.87 -15.97
N PRO A 244 -14.43 33.98 -16.03
CA PRO A 244 -15.11 33.73 -17.30
C PRO A 244 -14.70 34.69 -18.42
N GLY A 245 -14.10 35.83 -18.04
CA GLY A 245 -13.47 36.78 -18.97
C GLY A 245 -12.26 36.27 -19.74
N GLY A 246 -11.50 35.36 -19.16
CA GLY A 246 -10.14 35.05 -19.65
C GLY A 246 -9.20 34.62 -18.54
N VAL A 247 -7.90 34.57 -18.83
CA VAL A 247 -6.95 34.05 -17.84
C VAL A 247 -5.68 34.89 -17.74
N THR A 248 -5.13 34.90 -16.53
CA THR A 248 -3.86 35.51 -16.19
C THR A 248 -2.89 34.40 -15.77
N VAL A 249 -1.67 34.43 -16.32
CA VAL A 249 -0.62 33.50 -15.88
C VAL A 249 0.58 34.32 -15.37
N LYS A 250 0.82 34.24 -14.06
CA LYS A 250 2.04 34.77 -13.46
C LYS A 250 3.16 33.74 -13.34
N THR A 251 4.36 34.13 -13.79
CA THR A 251 5.54 33.31 -13.62
C THR A 251 6.35 33.84 -12.46
N GLU A 252 7.42 33.12 -12.11
CA GLU A 252 8.15 33.33 -10.84
C GLU A 252 9.05 34.57 -10.87
N ASP A 253 9.42 35.02 -12.08
CA ASP A 253 10.13 36.28 -12.25
C ASP A 253 9.13 37.42 -12.38
N ASN A 254 7.93 37.17 -11.89
CA ASN A 254 6.88 38.17 -11.74
C ASN A 254 6.22 38.71 -13.00
N SER A 255 6.60 38.19 -14.16
CA SER A 255 5.82 38.35 -15.41
C SER A 255 4.37 37.91 -15.29
N VAL A 256 3.46 38.74 -15.77
CA VAL A 256 2.04 38.38 -15.95
C VAL A 256 1.63 38.36 -17.43
N TYR A 257 1.18 37.22 -17.93
CA TYR A 257 0.65 37.10 -19.28
C TYR A 257 -0.86 36.93 -19.29
N SER A 258 -1.52 37.55 -20.27
CA SER A 258 -2.94 37.37 -20.47
C SER A 258 -3.17 36.39 -21.59
N ALA A 259 -4.18 35.54 -21.45
CA ALA A 259 -4.64 34.72 -22.56
C ALA A 259 -6.15 34.49 -22.49
N ASP A 260 -6.71 33.95 -23.56
CA ASP A 260 -8.08 33.45 -23.58
C ASP A 260 -8.18 32.14 -22.82
N TYR A 261 -7.14 31.32 -22.93
CA TYR A 261 -7.16 29.94 -22.46
C TYR A 261 -5.78 29.52 -22.00
N VAL A 262 -5.75 28.73 -20.93
CA VAL A 262 -4.51 28.10 -20.47
C VAL A 262 -4.59 26.56 -20.55
N MET A 263 -3.56 25.96 -21.16
CA MET A 263 -3.38 24.52 -21.19
C MET A 263 -2.26 24.18 -20.21
N VAL A 264 -2.59 23.36 -19.21
CA VAL A 264 -1.64 23.04 -18.15
C VAL A 264 -1.15 21.58 -18.34
N SER A 265 0.14 21.39 -18.63
CA SER A 265 0.66 20.05 -18.91
C SER A 265 1.57 19.49 -17.79
N ALA A 266 1.79 20.27 -16.73
CA ALA A 266 2.63 19.84 -15.59
C ALA A 266 2.10 18.55 -14.94
N SER A 267 3.02 17.71 -14.47
CA SER A 267 2.70 16.40 -13.91
C SER A 267 1.67 16.46 -12.78
N LEU A 268 0.99 15.34 -12.57
CA LEU A 268 0.07 15.20 -11.45
C LEU A 268 0.79 15.50 -10.12
N GLY A 269 2.08 15.19 -10.08
CA GLY A 269 2.92 15.50 -8.94
C GLY A 269 2.98 16.99 -8.67
N VAL A 270 3.29 17.76 -9.71
CA VAL A 270 3.29 19.23 -9.65
C VAL A 270 1.92 19.78 -9.24
N LEU A 271 0.87 19.25 -9.87
CA LEU A 271 -0.48 19.58 -9.46
C LEU A 271 -0.74 19.28 -8.01
N GLN A 272 -0.18 18.19 -7.50
CA GLN A 272 -0.37 17.87 -6.10
C GLN A 272 0.37 18.82 -5.15
N SER A 273 1.51 19.35 -5.59
CA SER A 273 2.27 20.35 -4.83
C SER A 273 1.62 21.73 -4.77
N ASP A 274 2.35 22.70 -4.25
CA ASP A 274 1.90 24.09 -4.12
C ASP A 274 2.41 25.02 -5.21
N LEU A 275 3.24 24.49 -6.11
CA LEU A 275 3.95 25.30 -7.11
C LEU A 275 3.03 26.23 -7.89
N ILE A 276 1.94 25.70 -8.45
CA ILE A 276 1.03 26.53 -9.21
C ILE A 276 -0.18 26.81 -8.35
N GLN A 277 -0.38 28.07 -8.01
CA GLN A 277 -1.52 28.49 -7.22
C GLN A 277 -2.67 28.88 -8.15
N PHE A 278 -3.88 28.39 -7.88
CA PHE A 278 -5.04 28.75 -8.72
C PHE A 278 -5.95 29.77 -8.03
N LYS A 279 -6.32 30.83 -8.75
CA LYS A 279 -7.19 31.89 -8.22
C LYS A 279 -8.36 32.03 -9.16
N PRO A 280 -9.58 31.68 -8.68
CA PRO A 280 -9.91 31.03 -7.43
C PRO A 280 -9.29 29.62 -7.26
N LYS A 281 -9.28 29.12 -6.03
CA LYS A 281 -9.04 27.70 -5.80
C LYS A 281 -9.95 26.89 -6.71
N LEU A 282 -9.39 25.83 -7.28
CA LEU A 282 -10.13 24.84 -8.07
C LEU A 282 -11.25 24.23 -7.23
N PRO A 283 -12.38 23.90 -7.87
CA PRO A 283 -13.51 23.24 -7.20
C PRO A 283 -13.10 22.02 -6.38
N THR A 284 -13.91 21.69 -5.38
CA THR A 284 -13.57 20.58 -4.52
C THR A 284 -13.48 19.31 -5.32
N TRP A 285 -14.46 19.05 -6.18
CA TRP A 285 -14.41 17.88 -7.04
C TRP A 285 -13.05 17.70 -7.75
N LYS A 286 -12.54 18.76 -8.36
CA LYS A 286 -11.29 18.71 -9.10
C LYS A 286 -10.10 18.45 -8.17
N VAL A 287 -10.09 19.12 -7.02
CA VAL A 287 -9.03 18.92 -6.02
C VAL A 287 -9.00 17.49 -5.50
N ARG A 288 -10.18 16.91 -5.29
CA ARG A 288 -10.27 15.54 -4.80
C ARG A 288 -9.67 14.58 -5.82
N ALA A 289 -10.05 14.75 -7.08
CA ALA A 289 -9.53 13.94 -8.18
C ALA A 289 -8.02 14.03 -8.24
N ILE A 290 -7.49 15.26 -8.13
CA ILE A 290 -6.05 15.51 -8.10
C ILE A 290 -5.35 14.70 -7.00
N TYR A 291 -5.80 14.82 -5.74
CA TYR A 291 -5.07 14.17 -4.65
C TYR A 291 -5.31 12.67 -4.46
N GLN A 292 -6.34 12.14 -5.10
CA GLN A 292 -6.66 10.74 -4.95
C GLN A 292 -5.89 9.84 -5.90
N PHE A 293 -5.53 10.37 -7.07
CA PHE A 293 -4.68 9.65 -8.00
C PHE A 293 -3.24 9.63 -7.51
N ASP A 294 -2.43 8.73 -8.05
CA ASP A 294 -1.08 8.49 -7.55
C ASP A 294 -0.02 8.99 -8.50
N MET A 295 1.01 9.65 -7.97
CA MET A 295 2.18 9.99 -8.75
C MET A 295 3.40 9.17 -8.36
N ALA A 296 3.58 8.02 -9.02
CA ALA A 296 4.63 7.04 -8.64
C ALA A 296 6.06 7.51 -8.91
N VAL A 297 7.04 6.96 -8.19
CA VAL A 297 8.46 7.28 -8.45
C VAL A 297 9.14 6.04 -8.94
N TYR A 298 10.03 6.19 -9.93
CA TYR A 298 10.67 5.06 -10.59
C TYR A 298 12.12 5.45 -10.85
N THR A 299 13.03 4.89 -10.06
CA THR A 299 14.42 5.35 -10.07
C THR A 299 15.36 4.41 -10.79
N MET A 300 16.04 4.94 -11.79
CA MET A 300 17.01 4.20 -12.58
C MET A 300 18.43 4.50 -12.14
N ILE A 301 18.88 3.76 -11.13
CA ILE A 301 20.26 3.82 -10.68
C ILE A 301 21.23 3.19 -11.68
N PHE A 302 22.17 4.02 -12.12
CA PHE A 302 23.21 3.65 -13.07
C PHE A 302 24.56 3.48 -12.37
N LEU A 303 25.34 2.53 -12.86
CA LEU A 303 26.59 2.15 -12.21
C LEU A 303 27.73 1.94 -13.20
N LYS A 304 28.89 2.52 -12.88
CA LYS A 304 30.13 2.35 -13.67
C LYS A 304 31.15 1.38 -13.03
N PHE A 305 31.72 0.48 -13.84
CA PHE A 305 32.65 -0.53 -13.30
C PHE A 305 34.01 -0.62 -14.01
N PRO A 306 35.10 -0.78 -13.22
CA PRO A 306 36.46 -1.01 -13.74
C PRO A 306 36.51 -2.21 -14.68
N ARG A 307 35.99 -3.34 -14.23
CA ARG A 307 35.79 -4.51 -15.10
C ARG A 307 34.33 -4.97 -15.01
N LYS A 308 33.93 -5.87 -15.91
CA LYS A 308 32.67 -6.59 -15.73
C LYS A 308 32.84 -7.82 -14.81
N PHE A 309 31.77 -8.25 -14.15
CA PHE A 309 31.77 -9.50 -13.36
C PHE A 309 30.46 -10.31 -13.54
N TRP A 310 29.59 -9.86 -14.44
CA TRP A 310 28.23 -10.38 -14.56
C TRP A 310 28.08 -11.11 -15.87
N PRO A 311 27.30 -12.19 -15.90
CA PRO A 311 27.13 -12.94 -17.14
C PRO A 311 26.64 -12.06 -18.29
N GLU A 312 27.27 -12.21 -19.45
CA GLU A 312 26.70 -11.75 -20.72
C GLU A 312 26.41 -12.92 -21.64
N GLY A 313 25.70 -12.66 -22.73
CA GLY A 313 25.29 -13.72 -23.64
C GLY A 313 23.79 -13.76 -23.67
N LYS A 314 23.23 -14.76 -24.36
CA LYS A 314 21.78 -14.94 -24.48
C LYS A 314 21.09 -14.96 -23.11
N GLY A 315 20.01 -14.19 -22.98
CA GLY A 315 19.23 -14.17 -21.75
C GLY A 315 19.82 -13.45 -20.52
N ARG A 316 20.92 -12.73 -20.71
CA ARG A 316 21.68 -12.19 -19.57
C ARG A 316 21.44 -10.72 -19.28
N GLU A 317 20.53 -10.10 -20.03
CA GLU A 317 20.27 -8.67 -19.92
C GLU A 317 19.46 -8.38 -18.67
N PHE A 318 18.41 -9.16 -18.46
CA PHE A 318 17.57 -8.99 -17.30
C PHE A 318 17.84 -10.06 -16.25
N PHE A 319 18.30 -9.63 -15.09
CA PHE A 319 18.36 -10.49 -13.92
C PHE A 319 17.75 -9.85 -12.68
N LEU A 320 17.26 -10.71 -11.79
CA LEU A 320 16.61 -10.28 -10.55
C LEU A 320 17.38 -10.73 -9.32
N TYR A 321 17.24 -9.96 -8.25
CA TYR A 321 17.80 -10.27 -6.96
C TYR A 321 16.69 -10.48 -5.93
N ALA A 322 16.51 -11.74 -5.54
CA ALA A 322 15.34 -12.17 -4.75
C ALA A 322 15.58 -11.90 -3.28
N SER A 323 15.64 -10.63 -2.90
CA SER A 323 15.88 -10.22 -1.51
C SER A 323 14.71 -10.58 -0.60
N SER A 324 15.04 -10.87 0.65
CA SER A 324 14.04 -11.13 1.68
C SER A 324 13.28 -9.85 2.05
N ARG A 325 13.78 -8.72 1.57
CA ARG A 325 13.19 -7.41 1.83
C ARG A 325 12.62 -6.91 0.52
N ARG A 326 11.31 -7.07 0.36
CA ARG A 326 10.59 -6.80 -0.90
C ARG A 326 11.06 -5.49 -1.51
N GLY A 327 11.40 -5.50 -2.79
CA GLY A 327 11.86 -4.31 -3.47
C GLY A 327 13.18 -3.79 -2.91
N TYR A 328 14.23 -4.61 -2.99
CA TYR A 328 15.54 -4.23 -2.48
C TYR A 328 16.63 -4.60 -3.47
N TYR A 329 16.78 -3.80 -4.52
CA TYR A 329 17.78 -4.05 -5.55
C TYR A 329 17.65 -5.45 -6.13
N GLY A 330 16.48 -5.73 -6.71
CA GLY A 330 16.21 -7.03 -7.30
C GLY A 330 16.22 -6.98 -8.82
N VAL A 331 15.78 -5.85 -9.37
CA VAL A 331 15.73 -5.67 -10.82
C VAL A 331 17.04 -5.10 -11.34
N TRP A 332 17.69 -5.83 -12.25
CA TRP A 332 18.94 -5.39 -12.83
C TRP A 332 18.95 -5.54 -14.32
N GLN A 333 19.60 -4.61 -15.00
CA GLN A 333 19.82 -4.64 -16.45
C GLN A 333 21.28 -4.48 -16.80
N GLU A 334 21.77 -5.35 -17.68
CA GLU A 334 23.09 -5.13 -18.25
C GLU A 334 23.04 -4.85 -19.75
N PHE A 335 24.01 -4.09 -20.23
CA PHE A 335 23.88 -3.37 -21.48
C PHE A 335 24.89 -3.83 -22.55
N GLU A 336 25.10 -5.14 -22.66
CA GLU A 336 26.03 -5.66 -23.65
C GLU A 336 25.68 -5.17 -25.05
N LYS A 337 24.41 -5.26 -25.44
CA LYS A 337 23.95 -4.69 -26.71
C LYS A 337 23.99 -3.16 -26.75
N GLN A 338 23.30 -2.53 -25.82
CA GLN A 338 23.10 -1.10 -25.85
C GLN A 338 24.40 -0.30 -25.83
N TYR A 339 25.23 -0.54 -24.83
CA TYR A 339 26.47 0.19 -24.69
C TYR A 339 27.61 -0.79 -24.54
N PRO A 340 27.91 -1.57 -25.56
CA PRO A 340 29.04 -2.48 -25.47
C PRO A 340 30.22 -1.75 -26.02
N ASP A 341 31.38 -1.75 -25.36
CA ASP A 341 31.55 -2.35 -24.06
C ASP A 341 31.72 -1.20 -23.10
N ALA A 342 30.65 -0.83 -22.43
CA ALA A 342 30.68 0.32 -21.55
C ALA A 342 30.93 -0.02 -20.10
N ASN A 343 30.58 -1.23 -19.69
CA ASN A 343 30.75 -1.61 -18.29
C ASN A 343 29.83 -0.92 -17.31
N VAL A 344 28.56 -0.78 -17.67
CA VAL A 344 27.59 -0.18 -16.78
C VAL A 344 26.46 -1.14 -16.49
N LEU A 345 26.03 -1.17 -15.24
CA LEU A 345 24.79 -1.84 -14.83
C LEU A 345 23.66 -0.86 -14.50
N LEU A 346 22.42 -1.34 -14.63
CA LEU A 346 21.27 -0.58 -14.20
C LEU A 346 20.49 -1.36 -13.15
N VAL A 347 20.36 -0.80 -11.94
CA VAL A 347 19.30 -1.26 -11.05
C VAL A 347 18.16 -0.24 -10.94
N THR A 348 16.93 -0.76 -10.95
CA THR A 348 15.73 0.03 -10.80
C THR A 348 15.19 -0.16 -9.40
N VAL A 349 14.66 0.91 -8.81
CA VAL A 349 13.83 0.83 -7.60
C VAL A 349 12.63 1.78 -7.76
N THR A 350 11.59 1.58 -6.96
CA THR A 350 10.40 2.39 -7.08
C THR A 350 9.94 2.91 -5.72
N ASP A 351 8.85 3.66 -5.72
CA ASP A 351 8.01 3.79 -4.54
C ASP A 351 8.83 4.09 -3.27
N GLU A 352 8.65 3.27 -2.22
CA GLU A 352 9.15 3.56 -0.88
C GLU A 352 10.67 3.62 -0.90
N GLU A 353 11.27 2.73 -1.68
CA GLU A 353 12.72 2.69 -1.80
C GLU A 353 13.27 3.92 -2.51
N SER A 354 12.57 4.36 -3.57
CA SER A 354 12.92 5.59 -4.29
C SER A 354 13.03 6.74 -3.31
N ARG A 355 11.95 6.99 -2.57
CA ARG A 355 11.93 8.09 -1.60
C ARG A 355 13.07 8.04 -0.57
N ARG A 356 13.35 6.84 -0.03
CA ARG A 356 14.53 6.65 0.81
C ARG A 356 15.82 6.97 0.08
N ILE A 357 16.02 6.32 -1.07
CA ILE A 357 17.29 6.41 -1.79
C ILE A 357 17.56 7.85 -2.26
N GLU A 358 16.52 8.56 -2.68
CA GLU A 358 16.67 9.95 -3.16
C GLU A 358 17.16 10.87 -2.07
N GLN A 359 16.68 10.63 -0.85
CA GLN A 359 17.04 11.43 0.29
C GLN A 359 18.45 11.16 0.81
N GLN A 360 19.06 10.03 0.42
CA GLN A 360 20.35 9.59 1.00
C GLN A 360 21.58 9.81 0.09
N SER A 361 22.76 9.90 0.71
CA SER A 361 23.99 10.25 0.00
C SER A 361 24.31 9.21 -1.07
N ASP A 362 24.64 9.70 -2.26
CA ASP A 362 25.06 8.86 -3.40
C ASP A 362 26.05 7.79 -2.95
N GLU A 363 27.02 8.21 -2.15
CA GLU A 363 27.97 7.32 -1.49
CA GLU A 363 27.98 7.29 -1.54
C GLU A 363 27.26 6.15 -0.80
N GLN A 364 26.50 6.47 0.26
CA GLN A 364 25.75 5.49 1.05
CA GLN A 364 25.83 5.43 1.03
C GLN A 364 25.02 4.49 0.17
N THR A 365 24.41 4.99 -0.90
CA THR A 365 23.64 4.16 -1.84
C THR A 365 24.54 3.16 -2.54
N LYS A 366 25.66 3.65 -3.09
CA LYS A 366 26.61 2.81 -3.79
C LYS A 366 27.16 1.71 -2.85
N ALA A 367 27.40 2.07 -1.59
CA ALA A 367 27.62 1.09 -0.52
C ALA A 367 26.63 -0.07 -0.57
N GLU A 368 25.35 0.24 -0.36
CA GLU A 368 24.29 -0.76 -0.26
C GLU A 368 24.28 -1.66 -1.48
N ILE A 369 24.54 -1.06 -2.64
CA ILE A 369 24.50 -1.77 -3.91
C ILE A 369 25.70 -2.72 -4.09
N MET A 370 26.89 -2.26 -3.68
CA MET A 370 28.09 -3.10 -3.65
C MET A 370 27.83 -4.34 -2.83
N GLN A 371 27.33 -4.15 -1.62
CA GLN A 371 26.96 -5.24 -0.74
C GLN A 371 26.09 -6.27 -1.44
N VAL A 372 25.07 -5.81 -2.16
CA VAL A 372 24.12 -6.70 -2.84
C VAL A 372 24.84 -7.45 -3.97
N LEU A 373 25.66 -6.72 -4.73
CA LEU A 373 26.41 -7.29 -5.86
C LEU A 373 27.48 -8.28 -5.40
N ARG A 374 28.14 -7.95 -4.29
CA ARG A 374 29.08 -8.87 -3.69
C ARG A 374 28.42 -10.16 -3.21
N LYS A 375 27.17 -10.05 -2.72
CA LYS A 375 26.33 -11.22 -2.39
C LYS A 375 25.91 -12.07 -3.59
N MET A 376 25.73 -11.41 -4.73
CA MET A 376 25.11 -12.04 -5.88
C MET A 376 26.14 -12.83 -6.64
N PHE A 377 27.38 -12.35 -6.58
CA PHE A 377 28.51 -12.99 -7.23
C PHE A 377 29.57 -13.20 -6.14
N PRO A 378 29.31 -14.15 -5.21
CA PRO A 378 30.29 -14.41 -4.18
C PRO A 378 31.55 -14.94 -4.86
N GLY A 379 31.33 -15.66 -5.96
CA GLY A 379 32.38 -16.15 -6.83
C GLY A 379 33.35 -15.08 -7.26
N LYS A 380 32.88 -14.14 -8.09
CA LYS A 380 33.75 -13.19 -8.78
C LYS A 380 34.43 -12.23 -7.79
N ASP A 381 35.35 -11.41 -8.29
CA ASP A 381 35.97 -10.38 -7.45
C ASP A 381 35.48 -9.01 -7.90
N VAL A 382 34.48 -8.48 -7.21
CA VAL A 382 33.70 -7.34 -7.65
C VAL A 382 34.29 -5.98 -7.25
N PRO A 383 34.65 -5.17 -8.23
CA PRO A 383 35.21 -3.84 -7.91
C PRO A 383 34.12 -2.87 -7.49
N ASP A 384 34.45 -1.91 -6.63
CA ASP A 384 33.56 -0.75 -6.42
C ASP A 384 33.19 -0.12 -7.77
N ALA A 385 32.00 0.45 -7.83
CA ALA A 385 31.61 1.25 -8.97
C ALA A 385 32.38 2.56 -8.92
N THR A 386 33.01 2.89 -10.06
CA THR A 386 33.71 4.16 -10.20
C THR A 386 32.75 5.33 -10.21
N ASP A 387 31.59 5.12 -10.84
CA ASP A 387 30.54 6.13 -10.85
C ASP A 387 29.16 5.58 -10.53
N ILE A 388 28.37 6.35 -9.77
CA ILE A 388 26.92 6.12 -9.62
C ILE A 388 26.09 7.26 -10.19
N LEU A 389 24.90 6.97 -10.72
CA LEU A 389 23.90 7.99 -11.05
C LEU A 389 22.55 7.70 -10.39
N VAL A 390 22.07 8.66 -9.60
CA VAL A 390 20.78 8.49 -8.91
C VAL A 390 19.76 9.58 -9.27
N PRO A 391 18.99 9.36 -10.37
CA PRO A 391 17.93 10.29 -10.76
C PRO A 391 16.91 10.61 -9.65
N ARG A 392 16.81 11.89 -9.30
CA ARG A 392 15.95 12.30 -8.20
C ARG A 392 14.69 13.08 -8.62
N TRP A 393 13.76 12.37 -9.25
CA TRP A 393 12.62 12.99 -9.90
C TRP A 393 11.59 13.41 -8.87
N TRP A 394 11.42 12.58 -7.85
CA TRP A 394 10.49 12.89 -6.76
C TRP A 394 10.88 14.21 -6.12
N SER A 395 12.19 14.42 -5.91
CA SER A 395 12.68 15.60 -5.24
C SER A 395 12.48 16.83 -6.10
N ASP A 396 12.58 16.68 -7.42
CA ASP A 396 12.54 17.82 -8.35
C ASP A 396 11.16 18.48 -8.38
N ARG A 397 11.13 19.77 -8.13
CA ARG A 397 9.86 20.49 -8.00
C ARG A 397 9.07 20.64 -9.30
N PHE A 398 9.67 20.29 -10.43
CA PHE A 398 8.99 20.43 -11.70
C PHE A 398 8.39 19.10 -12.11
N TYR A 399 8.60 18.09 -11.27
CA TYR A 399 8.14 16.74 -11.57
C TYR A 399 7.49 16.00 -10.39
N LYS A 400 8.15 15.99 -9.24
CA LYS A 400 7.56 15.47 -8.01
C LYS A 400 7.14 14.00 -8.19
N GLY A 401 7.83 13.31 -9.08
CA GLY A 401 7.52 11.89 -9.37
C GLY A 401 8.01 11.52 -10.76
N THR A 402 7.55 10.38 -11.30
CA THR A 402 7.97 9.94 -12.64
C THR A 402 6.83 9.61 -13.61
N PHE A 403 5.75 9.00 -13.11
CA PHE A 403 4.49 8.81 -13.88
C PHE A 403 3.34 8.50 -12.97
N SER A 404 2.11 8.69 -13.46
CA SER A 404 0.92 8.43 -12.66
C SER A 404 0.68 6.94 -12.49
N ASN A 405 -0.05 6.58 -11.43
CA ASN A 405 -0.58 5.23 -11.27
C ASN A 405 -2.04 5.23 -10.83
N TRP A 406 -2.86 4.37 -11.45
CA TRP A 406 -4.27 4.28 -11.11
C TRP A 406 -4.48 3.49 -9.81
N PRO A 407 -4.88 4.20 -8.74
CA PRO A 407 -5.00 3.51 -7.45
C PRO A 407 -6.38 2.89 -7.32
N VAL A 408 -6.57 1.99 -6.36
CA VAL A 408 -7.91 1.48 -6.07
C VAL A 408 -8.74 2.54 -5.35
N GLY A 409 -10.02 2.62 -5.72
CA GLY A 409 -10.89 3.64 -5.19
C GLY A 409 -11.06 4.80 -6.15
N VAL A 410 -10.18 4.88 -7.15
CA VAL A 410 -10.42 5.81 -8.25
C VAL A 410 -11.13 5.07 -9.37
N ASN A 411 -12.36 5.49 -9.67
CA ASN A 411 -13.14 4.89 -10.74
C ASN A 411 -13.03 5.70 -12.02
N ARG A 412 -13.72 5.24 -13.07
CA ARG A 412 -13.64 5.90 -14.35
C ARG A 412 -14.20 7.31 -14.33
N TYR A 413 -15.25 7.52 -13.55
CA TYR A 413 -15.84 8.83 -13.44
C TYR A 413 -14.84 9.81 -12.87
N GLU A 414 -14.26 9.45 -11.72
CA GLU A 414 -13.47 10.43 -11.00
C GLU A 414 -12.07 10.56 -11.58
N TYR A 415 -11.65 9.59 -12.38
CA TYR A 415 -10.52 9.77 -13.28
C TYR A 415 -10.79 10.84 -14.28
N ASP A 416 -12.01 10.87 -14.80
CA ASP A 416 -12.32 11.83 -15.84
C ASP A 416 -12.38 13.26 -15.30
N GLN A 417 -12.81 13.39 -14.05
CA GLN A 417 -12.76 14.64 -13.34
C GLN A 417 -11.36 15.26 -13.29
N LEU A 418 -10.32 14.42 -13.26
CA LEU A 418 -8.94 14.91 -13.29
C LEU A 418 -8.67 15.66 -14.59
N ARG A 419 -9.17 15.14 -15.70
CA ARG A 419 -8.82 15.71 -16.98
C ARG A 419 -9.81 16.82 -17.37
N ALA A 420 -11.00 16.78 -16.78
CA ALA A 420 -12.06 17.74 -17.04
C ALA A 420 -11.53 19.14 -16.79
N PRO A 421 -11.77 20.08 -17.73
CA PRO A 421 -11.34 21.46 -17.54
C PRO A 421 -12.15 22.21 -16.49
N VAL A 422 -11.53 23.22 -15.89
CA VAL A 422 -12.22 24.21 -15.06
C VAL A 422 -12.15 25.55 -15.79
N GLY A 423 -13.30 26.05 -16.24
CA GLY A 423 -13.35 27.35 -16.91
C GLY A 423 -12.55 27.37 -18.19
N ARG A 424 -11.62 28.31 -18.26
CA ARG A 424 -10.67 28.40 -19.37
C ARG A 424 -9.36 27.70 -19.05
N VAL A 425 -9.33 27.01 -17.90
CA VAL A 425 -8.19 26.21 -17.51
C VAL A 425 -8.41 24.78 -18.02
N TYR A 426 -7.53 24.35 -18.93
CA TYR A 426 -7.58 23.03 -19.53
C TYR A 426 -6.39 22.26 -19.03
N PHE A 427 -6.56 20.96 -18.80
CA PHE A 427 -5.43 20.11 -18.42
C PHE A 427 -5.08 19.10 -19.49
N THR A 428 -3.78 18.95 -19.74
CA THR A 428 -3.24 17.83 -20.52
C THR A 428 -2.10 17.15 -19.73
N GLY A 429 -1.55 16.05 -20.26
CA GLY A 429 -0.46 15.32 -19.59
C GLY A 429 -0.78 13.85 -19.50
N GLU A 430 0.23 13.00 -19.36
CA GLU A 430 -0.02 11.54 -19.30
C GLU A 430 -1.15 11.17 -18.35
N HIS A 431 -1.25 11.89 -17.24
CA HIS A 431 -2.23 11.61 -16.20
C HIS A 431 -3.65 11.93 -16.64
N THR A 432 -3.79 12.55 -17.80
CA THR A 432 -5.11 12.85 -18.35
C THR A 432 -5.45 11.92 -19.51
N SER A 433 -4.47 11.13 -19.94
CA SER A 433 -4.65 10.13 -21.01
C SER A 433 -5.76 9.14 -20.68
N GLU A 434 -6.66 8.96 -21.65
CA GLU A 434 -7.88 8.16 -21.47
CA GLU A 434 -7.87 8.17 -21.43
C GLU A 434 -7.55 6.71 -21.17
N HIS A 435 -6.60 6.15 -21.92
CA HIS A 435 -6.27 4.73 -21.79
C HIS A 435 -4.80 4.43 -21.63
N TYR A 436 -3.96 5.47 -21.56
CA TYR A 436 -2.52 5.26 -21.56
C TYR A 436 -1.80 6.15 -20.58
N ASN A 437 -2.47 6.51 -19.48
CA ASN A 437 -1.75 7.15 -18.39
C ASN A 437 -0.45 6.39 -18.05
N GLY A 438 0.62 7.14 -17.79
CA GLY A 438 1.90 6.54 -17.42
C GLY A 438 2.93 6.41 -18.54
N TYR A 439 2.55 6.77 -19.76
CA TYR A 439 3.35 6.42 -20.95
C TYR A 439 3.59 7.58 -21.89
N VAL A 440 4.77 7.60 -22.49
CA VAL A 440 5.07 8.54 -23.57
C VAL A 440 3.93 8.70 -24.59
N HIS A 441 3.42 7.59 -25.10
CA HIS A 441 2.35 7.66 -26.09
C HIS A 441 1.06 8.21 -25.48
N GLY A 442 0.82 7.88 -24.21
CA GLY A 442 -0.29 8.44 -23.46
C GLY A 442 -0.21 9.96 -23.33
N ALA A 443 0.93 10.45 -22.85
CA ALA A 443 1.22 11.88 -22.82
C ALA A 443 1.08 12.51 -24.21
N TYR A 444 1.61 11.85 -25.24
CA TYR A 444 1.51 12.35 -26.61
C TYR A 444 0.05 12.48 -27.05
N LEU A 445 -0.73 11.42 -26.82
CA LEU A 445 -2.11 11.41 -27.27
C LEU A 445 -3.00 12.34 -26.46
N SER A 446 -2.66 12.53 -25.18
CA SER A 446 -3.37 13.52 -24.34
C SER A 446 -3.18 14.95 -24.85
N GLY A 447 -1.96 15.25 -25.32
CA GLY A 447 -1.71 16.46 -26.09
C GLY A 447 -2.85 16.75 -27.05
N ILE A 448 -3.04 15.83 -28.00
CA ILE A 448 -4.05 15.97 -29.04
C ILE A 448 -5.48 16.11 -28.47
N ASP A 449 -5.81 15.26 -27.50
CA ASP A 449 -7.19 15.19 -27.01
C ASP A 449 -7.54 16.51 -26.34
N SER A 450 -6.77 16.89 -25.34
CA SER A 450 -6.95 18.16 -24.65
C SER A 450 -7.04 19.30 -25.64
N ALA A 451 -6.04 19.42 -26.53
CA ALA A 451 -6.07 20.41 -27.62
C ALA A 451 -7.45 20.47 -28.32
N GLU A 452 -7.97 19.30 -28.70
CA GLU A 452 -9.25 19.20 -29.38
C GLU A 452 -10.47 19.65 -28.53
N ILE A 453 -10.53 19.24 -27.26
CA ILE A 453 -11.52 19.77 -26.29
C ILE A 453 -11.59 21.30 -26.34
N LEU A 454 -10.42 21.94 -26.30
CA LEU A 454 -10.33 23.39 -26.38
C LEU A 454 -10.72 23.92 -27.75
N ILE A 455 -10.16 23.33 -28.81
CA ILE A 455 -10.46 23.81 -30.18
C ILE A 455 -11.97 23.85 -30.37
N ASN A 456 -12.63 22.90 -29.72
CA ASN A 456 -14.06 22.81 -29.78
C ASN A 456 -14.79 23.94 -29.09
N CYS A 457 -14.17 24.45 -28.05
CA CYS A 457 -14.70 25.60 -27.37
C CYS A 457 -14.38 26.90 -28.13
N ALA A 458 -13.10 27.09 -28.42
CA ALA A 458 -12.63 28.31 -29.06
C ALA A 458 -13.30 28.53 -30.41
N GLN A 459 -13.33 27.50 -31.25
CA GLN A 459 -13.84 27.63 -32.62
C GLN A 459 -15.33 27.29 -32.68
N LYS A 460 -15.69 26.09 -32.23
CA LYS A 460 -17.04 25.58 -32.45
C LYS A 460 -18.00 26.02 -31.35
N LYS A 461 -17.47 26.80 -30.40
CA LYS A 461 -18.26 27.41 -29.33
C LYS A 461 -19.01 26.42 -28.43
N MET A 462 -18.48 25.20 -28.32
CA MET A 462 -18.95 24.21 -27.35
C MET A 462 -17.99 24.12 -26.17
N CYS A 463 -18.39 24.64 -25.01
CA CYS A 463 -17.48 24.76 -23.87
C CYS A 463 -17.86 24.04 -22.58
N LYS A 464 -19.11 23.68 -22.42
CA LYS A 464 -19.48 22.81 -21.33
C LYS A 464 -18.97 21.41 -21.60
N TYR A 465 -17.99 20.98 -20.81
CA TYR A 465 -17.47 19.63 -20.84
C TYR A 465 -18.27 18.81 -19.81
N HIS A 466 -18.94 17.75 -20.25
CA HIS A 466 -19.72 16.89 -19.35
C HIS A 466 -18.89 15.68 -18.95
N VAL A 467 -18.45 15.66 -17.69
CA VAL A 467 -17.70 14.56 -17.11
C VAL A 467 -18.51 13.25 -17.13
N GLN A 468 -17.90 12.18 -17.65
CA GLN A 468 -18.30 10.81 -17.29
C GLN A 468 -17.09 10.01 -16.80
N VAL B 3 -31.05 -35.42 15.42
CA VAL B 3 -29.75 -36.07 15.30
C VAL B 3 -28.61 -35.07 15.43
N GLY B 4 -28.71 -34.18 16.41
CA GLY B 4 -27.68 -33.16 16.64
C GLY B 4 -28.27 -31.84 17.14
N PRO B 5 -27.41 -30.93 17.67
CA PRO B 5 -27.90 -29.77 18.47
C PRO B 5 -28.44 -28.63 17.59
N ARG B 6 -29.00 -27.59 18.22
CA ARG B 6 -29.61 -26.51 17.43
C ARG B 6 -28.56 -25.73 16.67
N VAL B 7 -27.51 -25.34 17.39
CA VAL B 7 -26.38 -24.60 16.82
C VAL B 7 -25.05 -25.21 17.23
N ILE B 8 -24.20 -25.52 16.25
CA ILE B 8 -22.75 -25.59 16.44
C ILE B 8 -22.09 -24.21 16.28
N VAL B 9 -21.24 -23.84 17.24
CA VAL B 9 -20.43 -22.61 17.20
C VAL B 9 -18.96 -22.98 16.90
N VAL B 10 -18.48 -22.64 15.71
CA VAL B 10 -17.09 -22.92 15.37
C VAL B 10 -16.20 -21.86 16.02
N GLY B 11 -15.40 -22.28 16.99
CA GLY B 11 -14.40 -21.41 17.59
C GLY B 11 -14.87 -20.84 18.91
N ALA B 12 -13.95 -20.76 19.87
CA ALA B 12 -14.24 -20.37 21.26
C ALA B 12 -13.32 -19.26 21.76
N GLY B 13 -12.98 -18.32 20.87
CA GLY B 13 -12.44 -17.04 21.30
C GLY B 13 -13.58 -16.15 21.78
N MET B 14 -13.28 -14.86 21.94
CA MET B 14 -14.20 -13.89 22.55
C MET B 14 -15.60 -13.88 21.91
N SER B 15 -15.63 -13.66 20.60
CA SER B 15 -16.87 -13.51 19.85
C SER B 15 -17.70 -14.81 19.84
N GLY B 16 -17.01 -15.93 19.62
CA GLY B 16 -17.60 -17.25 19.79
C GLY B 16 -18.23 -17.44 21.15
N ILE B 17 -17.48 -17.13 22.21
CA ILE B 17 -17.99 -17.30 23.58
C ILE B 17 -19.20 -16.39 23.81
N SER B 18 -19.06 -15.14 23.36
CA SER B 18 -20.11 -14.14 23.46
C SER B 18 -21.38 -14.52 22.71
N ALA B 19 -21.23 -15.13 21.53
CA ALA B 19 -22.38 -15.58 20.77
C ALA B 19 -23.16 -16.62 21.58
N ALA B 20 -22.47 -17.68 21.99
CA ALA B 20 -23.07 -18.78 22.75
C ALA B 20 -23.72 -18.37 24.07
N LYS B 21 -23.12 -17.40 24.78
CA LYS B 21 -23.79 -16.77 25.92
C LYS B 21 -25.14 -16.19 25.52
N ARG B 22 -25.16 -15.49 24.40
CA ARG B 22 -26.34 -14.73 23.97
C ARG B 22 -27.42 -15.67 23.44
N LEU B 23 -26.98 -16.74 22.79
CA LEU B 23 -27.84 -17.81 22.34
C LEU B 23 -28.46 -18.50 23.54
N SER B 24 -27.61 -18.86 24.50
CA SER B 24 -28.04 -19.56 25.70
C SER B 24 -29.08 -18.71 26.42
N GLU B 25 -28.76 -17.44 26.67
CA GLU B 25 -29.72 -16.44 27.17
C GLU B 25 -31.09 -16.42 26.46
N ALA B 26 -31.06 -16.57 25.14
CA ALA B 26 -32.26 -16.52 24.33
C ALA B 26 -33.10 -17.80 24.50
N GLY B 27 -32.64 -18.69 25.38
CA GLY B 27 -33.20 -20.01 25.47
C GLY B 27 -32.55 -21.03 24.56
N ILE B 28 -31.80 -20.64 23.54
CA ILE B 28 -31.14 -21.65 22.68
C ILE B 28 -29.88 -22.18 23.37
N THR B 29 -30.09 -23.12 24.29
CA THR B 29 -29.00 -23.72 25.07
C THR B 29 -28.46 -25.03 24.46
N ASP B 30 -29.17 -25.59 23.48
CA ASP B 30 -28.73 -26.79 22.77
C ASP B 30 -27.59 -26.47 21.78
N LEU B 31 -26.45 -26.06 22.34
CA LEU B 31 -25.27 -25.61 21.57
C LEU B 31 -24.16 -26.64 21.62
N LEU B 32 -23.31 -26.63 20.60
CA LEU B 32 -22.00 -27.26 20.67
C LEU B 32 -20.91 -26.30 20.21
N ILE B 33 -20.00 -25.94 21.11
CA ILE B 33 -18.82 -25.16 20.73
C ILE B 33 -17.60 -26.02 20.39
N LEU B 34 -17.21 -26.00 19.10
CA LEU B 34 -16.01 -26.69 18.63
C LEU B 34 -14.83 -25.72 18.53
N GLU B 35 -13.74 -26.04 19.21
CA GLU B 35 -12.57 -25.17 19.28
C GLU B 35 -11.30 -25.93 18.87
N ALA B 36 -10.57 -25.35 17.92
CA ALA B 36 -9.38 -25.97 17.33
C ALA B 36 -8.29 -26.29 18.35
N THR B 37 -8.02 -25.37 19.26
CA THR B 37 -6.90 -25.48 20.19
C THR B 37 -7.28 -26.18 21.50
N ASP B 38 -6.31 -26.32 22.40
CA ASP B 38 -6.51 -26.86 23.75
CA ASP B 38 -6.58 -26.88 23.73
C ASP B 38 -7.06 -25.83 24.75
N HIS B 39 -7.46 -24.67 24.27
CA HIS B 39 -7.91 -23.59 25.18
C HIS B 39 -8.96 -22.69 24.53
N ILE B 40 -9.78 -22.06 25.37
CA ILE B 40 -10.59 -20.90 24.95
C ILE B 40 -9.80 -19.59 25.08
N GLY B 41 -10.35 -18.50 24.51
CA GLY B 41 -9.72 -17.19 24.55
C GLY B 41 -9.20 -16.71 23.21
N GLY B 42 -8.83 -17.63 22.33
CA GLY B 42 -8.40 -17.28 20.98
C GLY B 42 -7.27 -16.26 20.94
N ARG B 43 -7.55 -15.11 20.33
CA ARG B 43 -6.56 -14.08 20.09
C ARG B 43 -6.30 -13.20 21.31
N MET B 44 -6.87 -13.61 22.44
CA MET B 44 -6.49 -13.12 23.76
C MET B 44 -5.70 -14.21 24.45
N HIS B 45 -4.38 -14.16 24.28
CA HIS B 45 -3.49 -15.19 24.80
C HIS B 45 -2.27 -14.64 25.49
N LYS B 46 -2.05 -15.16 26.70
CA LYS B 46 -0.86 -14.91 27.48
C LYS B 46 0.04 -16.11 27.33
N THR B 47 1.29 -15.92 27.69
CA THR B 47 2.33 -16.94 27.69
C THR B 47 3.30 -16.56 28.77
N ASN B 48 4.13 -17.49 29.19
CA ASN B 48 5.10 -17.20 30.21
C ASN B 48 6.44 -16.86 29.62
N PHE B 49 6.75 -15.56 29.57
CA PHE B 49 8.02 -15.11 29.01
C PHE B 49 9.07 -14.91 30.10
N ALA B 50 9.98 -15.86 30.20
CA ALA B 50 11.05 -15.78 31.18
C ALA B 50 10.55 -15.29 32.53
N GLY B 51 9.69 -16.07 33.17
CA GLY B 51 9.33 -15.81 34.55
C GLY B 51 8.08 -15.02 34.81
N ILE B 52 7.44 -14.52 33.77
CA ILE B 52 6.22 -13.78 33.95
C ILE B 52 5.27 -13.96 32.79
N ASN B 53 4.00 -13.71 33.04
CA ASN B 53 2.98 -13.83 32.02
C ASN B 53 2.83 -12.53 31.26
N VAL B 54 3.07 -12.60 29.96
CA VAL B 54 2.98 -11.47 29.07
C VAL B 54 2.00 -11.86 27.98
N GLU B 55 1.34 -10.89 27.36
CA GLU B 55 0.37 -11.17 26.31
C GLU B 55 1.03 -11.38 24.95
N LEU B 56 0.61 -12.43 24.23
CA LEU B 56 0.92 -12.54 22.80
C LEU B 56 -0.17 -11.90 21.95
N GLY B 57 -1.36 -11.71 22.54
CA GLY B 57 -2.53 -11.21 21.81
C GLY B 57 -2.87 -9.76 22.09
N ALA B 58 -4.18 -9.50 22.20
CA ALA B 58 -4.69 -8.25 22.76
C ALA B 58 -3.98 -7.92 24.06
N ASN B 59 -3.63 -6.67 24.29
CA ASN B 59 -2.99 -6.31 25.54
C ASN B 59 -3.69 -5.15 26.21
N TRP B 60 -4.58 -4.51 25.48
CA TRP B 60 -5.23 -3.30 25.96
C TRP B 60 -6.74 -3.42 25.95
N VAL B 61 -7.37 -2.78 26.92
CA VAL B 61 -8.72 -2.24 26.75
C VAL B 61 -8.57 -0.90 26.08
N GLU B 62 -8.95 -0.82 24.80
CA GLU B 62 -8.93 0.45 24.08
C GLU B 62 -10.30 1.12 24.12
N GLY B 63 -10.31 2.38 24.54
CA GLY B 63 -11.52 3.17 24.57
C GLY B 63 -12.13 3.20 25.96
N VAL B 64 -11.58 4.05 26.82
CA VAL B 64 -12.03 4.18 28.19
C VAL B 64 -12.18 5.67 28.52
N ASN B 65 -13.15 5.99 29.39
CA ASN B 65 -13.36 7.33 29.99
C ASN B 65 -14.15 8.34 29.17
N GLY B 66 -14.95 7.87 28.21
CA GLY B 66 -15.64 8.77 27.29
C GLY B 66 -17.15 8.71 27.42
N GLY B 67 -17.84 9.01 26.32
CA GLY B 67 -19.30 9.11 26.30
C GLY B 67 -20.04 7.85 26.76
N LYS B 68 -19.55 6.69 26.33
CA LYS B 68 -20.24 5.45 26.63
C LYS B 68 -19.26 4.45 27.25
N MET B 69 -19.81 3.51 28.01
CA MET B 69 -19.02 2.43 28.60
C MET B 69 -18.64 1.38 27.55
N ASN B 70 -17.33 1.23 27.36
CA ASN B 70 -16.78 0.04 26.71
C ASN B 70 -17.15 -1.17 27.54
N PRO B 71 -17.99 -2.06 26.98
CA PRO B 71 -18.51 -3.19 27.75
C PRO B 71 -17.39 -4.01 28.41
N ILE B 72 -16.26 -4.18 27.72
CA ILE B 72 -15.12 -4.88 28.28
C ILE B 72 -14.64 -4.24 29.60
N TRP B 73 -14.68 -2.91 29.69
CA TRP B 73 -14.00 -2.21 30.78
C TRP B 73 -14.48 -2.61 32.19
N PRO B 74 -15.81 -2.59 32.45
CA PRO B 74 -16.25 -3.01 33.77
C PRO B 74 -15.79 -4.43 34.12
N ILE B 75 -15.78 -5.33 33.15
CA ILE B 75 -15.35 -6.70 33.42
C ILE B 75 -13.89 -6.69 33.87
N VAL B 76 -13.04 -6.03 33.08
CA VAL B 76 -11.61 -5.89 33.43
C VAL B 76 -11.46 -5.18 34.77
N ASN B 77 -12.01 -3.98 34.89
CA ASN B 77 -11.63 -3.08 35.99
C ASN B 77 -12.43 -3.26 37.28
N SER B 78 -13.73 -3.56 37.17
CA SER B 78 -14.59 -3.78 38.35
C SER B 78 -14.75 -5.25 38.69
N THR B 79 -15.40 -6.01 37.81
CA THR B 79 -15.68 -7.42 38.08
C THR B 79 -14.43 -8.24 38.36
N LEU B 80 -13.58 -8.45 37.35
CA LEU B 80 -12.36 -9.27 37.55
C LEU B 80 -11.23 -8.50 38.22
N LYS B 81 -11.37 -7.19 38.30
CA LYS B 81 -10.32 -6.37 38.82
C LYS B 81 -8.98 -6.86 38.35
N LEU B 82 -8.73 -6.74 37.05
CA LEU B 82 -7.43 -7.17 36.49
C LEU B 82 -6.43 -6.03 36.60
N ARG B 83 -5.21 -6.35 37.04
CA ARG B 83 -4.14 -5.37 37.11
C ARG B 83 -3.94 -4.65 35.76
N ASN B 84 -4.00 -3.32 35.77
CA ASN B 84 -3.89 -2.51 34.53
C ASN B 84 -3.31 -1.08 34.70
N PHE B 85 -2.99 -0.40 33.59
CA PHE B 85 -2.38 0.94 33.64
C PHE B 85 -2.78 1.80 32.43
N ARG B 86 -3.17 3.06 32.66
CA ARG B 86 -3.45 4.00 31.56
C ARG B 86 -2.15 4.28 30.86
N SER B 87 -2.13 4.12 29.54
CA SER B 87 -0.95 4.44 28.75
C SER B 87 -0.85 5.94 28.58
N ASP B 88 0.35 6.48 28.79
CA ASP B 88 0.58 7.89 28.57
C ASP B 88 1.57 8.16 27.44
N PHE B 89 1.01 8.65 26.33
CA PHE B 89 1.80 8.89 25.13
C PHE B 89 2.29 10.34 25.00
N ASP B 90 1.93 11.17 25.99
CA ASP B 90 2.32 12.59 26.08
C ASP B 90 3.82 12.94 25.94
N TYR B 91 4.72 12.01 26.23
CA TYR B 91 6.13 12.38 26.28
C TYR B 91 6.95 11.85 25.10
N LEU B 92 6.25 11.52 24.02
CA LEU B 92 6.91 10.90 22.89
C LEU B 92 8.01 11.78 22.30
N ALA B 93 7.78 13.10 22.28
CA ALA B 93 8.74 14.07 21.74
C ALA B 93 10.11 13.98 22.42
N GLN B 94 10.11 13.58 23.68
CA GLN B 94 11.35 13.26 24.40
C GLN B 94 12.04 11.95 24.00
N ASN B 95 11.31 11.05 23.36
CA ASN B 95 11.80 9.70 23.18
C ASN B 95 11.84 9.18 21.76
N VAL B 96 12.27 10.02 20.83
CA VAL B 96 12.35 9.63 19.42
C VAL B 96 13.80 9.48 18.98
N TYR B 97 14.48 8.47 19.49
CA TYR B 97 15.87 8.22 19.15
C TYR B 97 16.10 8.35 17.65
N LYS B 98 17.31 8.74 17.27
CA LYS B 98 17.66 8.90 15.86
C LYS B 98 17.99 7.56 15.22
N GLU B 99 18.40 7.60 13.95
CA GLU B 99 18.74 6.39 13.22
C GLU B 99 20.09 5.84 13.69
N ASP B 100 20.98 6.73 14.09
CA ASP B 100 22.30 6.34 14.56
C ASP B 100 22.63 6.98 15.88
N GLY B 101 22.06 6.44 16.95
CA GLY B 101 22.35 6.93 18.28
C GLY B 101 21.99 8.38 18.52
N GLY B 102 21.23 8.61 19.60
CA GLY B 102 20.88 9.94 20.02
C GLY B 102 19.39 10.10 20.01
N VAL B 103 18.90 11.19 20.59
CA VAL B 103 17.50 11.51 20.61
C VAL B 103 17.26 12.84 19.92
N TYR B 104 16.45 12.85 18.87
CA TYR B 104 16.13 14.11 18.24
C TYR B 104 15.77 15.07 19.34
N ASP B 105 15.86 16.36 19.04
CA ASP B 105 15.53 17.42 19.98
C ASP B 105 14.00 17.47 20.22
N GLU B 106 13.59 17.55 21.48
CA GLU B 106 12.17 17.50 21.84
C GLU B 106 11.28 18.57 21.17
N ASP B 107 11.72 19.84 21.24
CA ASP B 107 10.99 20.94 20.63
C ASP B 107 10.77 20.70 19.14
N TYR B 108 11.75 20.04 18.51
CA TYR B 108 11.66 19.70 17.11
C TYR B 108 10.62 18.61 16.83
N VAL B 109 10.78 17.49 17.53
CA VAL B 109 9.87 16.37 17.40
C VAL B 109 8.44 16.81 17.71
N GLN B 110 8.29 17.55 18.80
CA GLN B 110 7.00 18.14 19.15
C GLN B 110 6.32 18.92 18.02
N LYS B 111 7.09 19.58 17.17
CA LYS B 111 6.53 20.29 16.04
C LYS B 111 6.03 19.35 14.97
N ARG B 112 6.80 18.29 14.72
CA ARG B 112 6.38 17.28 13.74
C ARG B 112 5.16 16.48 14.20
N ILE B 113 5.11 16.16 15.49
CA ILE B 113 3.90 15.57 16.07
C ILE B 113 2.70 16.50 15.91
N GLU B 114 2.87 17.78 16.24
CA GLU B 114 1.76 18.74 16.21
C GLU B 114 1.23 18.84 14.80
N LEU B 115 2.16 18.92 13.85
CA LEU B 115 1.86 19.01 12.43
C LEU B 115 1.09 17.77 11.96
N ALA B 116 1.57 16.59 12.37
CA ALA B 116 0.87 15.33 12.12
C ALA B 116 -0.57 15.37 12.63
N ASP B 117 -0.74 15.82 13.86
CA ASP B 117 -2.03 15.75 14.53
C ASP B 117 -3.10 16.61 13.84
N SER B 118 -2.68 17.75 13.32
CA SER B 118 -3.64 18.69 12.75
C SER B 118 -4.08 18.20 11.39
N VAL B 119 -3.13 17.65 10.63
CA VAL B 119 -3.46 16.98 9.38
C VAL B 119 -4.52 15.90 9.64
N GLU B 120 -4.39 15.19 10.75
CA GLU B 120 -5.36 14.14 11.09
C GLU B 120 -6.69 14.72 11.55
N GLU B 121 -6.62 15.80 12.35
CA GLU B 121 -7.80 16.61 12.70
C GLU B 121 -8.55 17.08 11.44
N MET B 122 -7.79 17.58 10.48
CA MET B 122 -8.33 17.98 9.18
C MET B 122 -8.98 16.80 8.47
N GLY B 123 -8.38 15.62 8.64
CA GLY B 123 -8.92 14.39 8.08
C GLY B 123 -10.26 14.04 8.70
N GLU B 124 -10.30 14.04 10.02
CA GLU B 124 -11.56 13.87 10.74
C GLU B 124 -12.67 14.74 10.19
N LYS B 125 -12.39 16.04 10.03
CA LYS B 125 -13.36 16.98 9.50
C LYS B 125 -13.81 16.59 8.12
N LEU B 126 -12.86 16.33 7.22
CA LEU B 126 -13.17 15.93 5.83
C LEU B 126 -13.95 14.62 5.79
N SER B 127 -13.55 13.68 6.63
CA SER B 127 -14.18 12.36 6.70
C SER B 127 -15.66 12.50 7.01
N ALA B 128 -15.97 13.42 7.92
CA ALA B 128 -17.32 13.59 8.43
C ALA B 128 -18.24 14.16 7.36
N THR B 129 -17.67 14.83 6.36
CA THR B 129 -18.46 15.34 5.23
C THR B 129 -18.84 14.27 4.18
N LEU B 130 -18.20 13.11 4.22
CA LEU B 130 -18.27 12.17 3.10
C LEU B 130 -19.63 11.48 3.06
N HIS B 131 -20.09 11.14 1.86
CA HIS B 131 -21.34 10.42 1.70
C HIS B 131 -21.30 9.06 2.39
N ALA B 132 -22.43 8.64 2.95
CA ALA B 132 -22.45 7.43 3.79
C ALA B 132 -22.28 6.15 2.97
N SER B 133 -22.51 6.22 1.66
CA SER B 133 -22.41 5.05 0.83
C SER B 133 -20.96 4.70 0.50
N GLY B 134 -20.02 5.45 1.06
CA GLY B 134 -18.63 5.34 0.68
C GLY B 134 -18.30 5.74 -0.75
N ARG B 135 -19.25 6.38 -1.41
CA ARG B 135 -19.07 6.88 -2.78
C ARG B 135 -17.79 7.67 -2.97
N ASP B 136 -17.46 8.50 -1.99
CA ASP B 136 -16.35 9.45 -2.13
C ASP B 136 -15.32 9.29 -1.01
N ASP B 137 -15.11 8.04 -0.59
CA ASP B 137 -14.10 7.68 0.41
C ASP B 137 -12.71 7.68 -0.23
N MET B 138 -11.67 7.61 0.60
CA MET B 138 -10.27 7.65 0.12
C MET B 138 -9.34 7.11 1.19
N SER B 139 -8.13 6.73 0.79
CA SER B 139 -7.14 6.29 1.77
C SER B 139 -6.75 7.44 2.70
N ILE B 140 -6.42 7.12 3.93
CA ILE B 140 -5.79 8.08 4.84
C ILE B 140 -4.65 8.84 4.15
N LEU B 141 -3.78 8.14 3.41
CA LEU B 141 -2.72 8.80 2.67
C LEU B 141 -3.23 9.91 1.70
N ALA B 142 -4.21 9.59 0.87
CA ALA B 142 -4.81 10.58 -0.04
C ALA B 142 -5.20 11.84 0.71
N MET B 143 -5.91 11.65 1.82
CA MET B 143 -6.26 12.71 2.76
C MET B 143 -5.01 13.47 3.22
N GLN B 144 -4.00 12.75 3.71
CA GLN B 144 -2.69 13.35 4.04
C GLN B 144 -2.18 14.21 2.89
N ARG B 145 -2.04 13.61 1.70
CA ARG B 145 -1.61 14.33 0.50
C ARG B 145 -2.38 15.63 0.26
N LEU B 146 -3.71 15.51 0.23
CA LEU B 146 -4.66 16.63 0.13
C LEU B 146 -4.40 17.80 1.08
N ASN B 147 -4.19 17.46 2.36
CA ASN B 147 -3.89 18.43 3.41
C ASN B 147 -2.46 18.94 3.40
N GLU B 148 -1.49 18.07 3.23
CA GLU B 148 -0.10 18.55 3.16
C GLU B 148 0.23 19.22 1.81
N HIS B 149 -0.73 19.24 0.87
CA HIS B 149 -0.47 19.69 -0.51
C HIS B 149 0.80 19.09 -1.08
N GLN B 150 0.83 17.76 -1.12
CA GLN B 150 2.05 17.04 -1.48
C GLN B 150 1.74 15.80 -2.30
N PRO B 151 2.70 15.38 -3.14
CA PRO B 151 2.55 14.10 -3.82
C PRO B 151 2.78 12.90 -2.91
N ASN B 152 2.89 13.11 -1.59
CA ASN B 152 3.26 12.05 -0.65
C ASN B 152 2.92 12.43 0.79
N GLY B 153 2.62 11.43 1.64
CA GLY B 153 2.60 11.64 3.11
C GLY B 153 3.98 11.63 3.76
N PRO B 154 4.06 11.50 5.09
CA PRO B 154 5.35 11.58 5.80
C PRO B 154 6.49 10.75 5.18
N ALA B 155 7.64 11.35 4.89
CA ALA B 155 8.64 10.70 4.05
C ALA B 155 10.05 10.72 4.62
N THR B 156 10.29 11.60 5.59
CA THR B 156 11.57 11.60 6.31
C THR B 156 11.48 10.72 7.55
N PRO B 157 12.64 10.27 8.06
CA PRO B 157 12.74 9.41 9.25
C PRO B 157 11.81 9.76 10.43
N VAL B 158 11.95 10.96 10.98
CA VAL B 158 11.12 11.34 12.13
C VAL B 158 9.63 11.35 11.79
N ASP B 159 9.30 11.78 10.58
CA ASP B 159 7.91 11.93 10.21
C ASP B 159 7.24 10.59 10.01
N MET B 160 8.01 9.62 9.52
CA MET B 160 7.47 8.32 9.24
C MET B 160 7.23 7.52 10.51
N VAL B 161 8.23 7.47 11.38
CA VAL B 161 8.03 6.85 12.69
C VAL B 161 6.87 7.49 13.46
N VAL B 162 6.71 8.82 13.36
CA VAL B 162 5.49 9.46 13.88
C VAL B 162 4.26 8.93 13.15
N ASP B 163 4.33 8.85 11.82
CA ASP B 163 3.22 8.36 11.01
C ASP B 163 2.86 6.94 11.45
N TYR B 164 3.91 6.10 11.51
CA TYR B 164 3.79 4.71 11.95
C TYR B 164 3.16 4.60 13.33
N TYR B 165 3.65 5.38 14.29
CA TYR B 165 3.07 5.40 15.62
C TYR B 165 1.58 5.75 15.58
N LYS B 166 1.22 6.70 14.72
CA LYS B 166 -0.12 7.26 14.70
C LYS B 166 -1.12 6.31 14.06
N PHE B 167 -0.66 5.49 13.13
CA PHE B 167 -1.57 4.75 12.26
C PHE B 167 -1.28 3.26 12.24
N ASP B 168 -0.08 2.89 11.78
CA ASP B 168 0.31 1.49 11.65
C ASP B 168 0.26 0.79 12.97
N TYR B 169 0.64 1.53 14.00
CA TYR B 169 0.72 1.00 15.35
C TYR B 169 -0.68 0.76 15.93
N GLU B 170 -1.71 1.21 15.20
CA GLU B 170 -3.11 1.00 15.58
C GLU B 170 -3.80 0.02 14.66
N PHE B 171 -3.63 0.20 13.35
CA PHE B 171 -4.37 -0.59 12.36
C PHE B 171 -3.55 -1.69 11.72
N ALA B 172 -2.26 -1.73 12.05
CA ALA B 172 -1.28 -2.73 11.56
C ALA B 172 -1.16 -2.79 10.04
N GLU B 173 -1.52 -1.68 9.39
CA GLU B 173 -1.23 -1.48 8.00
C GLU B 173 -0.93 0.01 7.78
N PRO B 174 -0.15 0.35 6.72
CA PRO B 174 0.09 1.76 6.41
C PRO B 174 -1.18 2.57 6.04
N PRO B 175 -1.22 3.88 6.39
CA PRO B 175 -2.31 4.75 6.02
C PRO B 175 -2.73 4.61 4.55
N ARG B 176 -1.78 4.20 3.71
CA ARG B 176 -1.98 4.28 2.27
C ARG B 176 -2.91 3.21 1.76
N VAL B 177 -3.17 2.19 2.58
CA VAL B 177 -4.15 1.16 2.25
C VAL B 177 -5.42 1.26 3.09
N THR B 178 -5.37 2.04 4.17
CA THR B 178 -6.48 2.15 5.13
C THR B 178 -7.57 3.14 4.70
N SER B 179 -8.81 2.67 4.71
CA SER B 179 -9.96 3.56 4.47
C SER B 179 -10.00 4.74 5.46
N LEU B 180 -10.08 5.96 4.92
CA LEU B 180 -10.25 7.17 5.73
C LEU B 180 -11.55 7.17 6.48
N GLN B 181 -12.65 7.01 5.74
CA GLN B 181 -14.00 7.10 6.28
C GLN B 181 -14.16 6.24 7.51
N ASN B 182 -13.60 5.04 7.45
CA ASN B 182 -13.86 4.01 8.43
C ASN B 182 -12.76 3.90 9.47
N THR B 183 -11.90 4.91 9.58
CA THR B 183 -10.87 4.92 10.65
C THR B 183 -10.62 6.28 11.27
N VAL B 184 -10.85 7.36 10.52
CA VAL B 184 -10.63 8.72 11.03
C VAL B 184 -11.95 9.50 10.99
N PRO B 185 -12.60 9.73 12.16
CA PRO B 185 -12.23 9.26 13.49
C PRO B 185 -12.64 7.80 13.70
N LEU B 186 -12.26 7.23 14.83
CA LEU B 186 -12.51 5.83 15.10
C LEU B 186 -13.66 5.68 16.08
N ALA B 187 -14.69 4.93 15.68
CA ALA B 187 -15.83 4.63 16.57
C ALA B 187 -15.41 4.26 18.00
N THR B 188 -14.33 3.48 18.13
CA THR B 188 -13.85 3.05 19.43
C THR B 188 -13.57 4.25 20.34
N PHE B 189 -12.82 5.22 19.82
CA PHE B 189 -12.35 6.32 20.65
C PHE B 189 -13.38 7.39 20.78
N SER B 190 -14.13 7.60 19.71
CA SER B 190 -15.30 8.47 19.70
C SER B 190 -16.38 8.06 20.70
N ASP B 191 -16.74 6.77 20.70
CA ASP B 191 -17.78 6.27 21.61
C ASP B 191 -17.31 6.04 23.04
N PHE B 192 -16.10 5.53 23.21
CA PHE B 192 -15.74 4.97 24.51
C PHE B 192 -14.71 5.80 25.25
N GLY B 193 -14.14 6.79 24.59
CA GLY B 193 -13.04 7.54 25.18
C GLY B 193 -11.72 7.35 24.49
N ASP B 194 -10.82 8.31 24.67
CA ASP B 194 -9.53 8.28 24.01
C ASP B 194 -8.48 7.54 24.81
N ASP B 195 -8.77 7.17 26.05
CA ASP B 195 -7.79 6.47 26.87
C ASP B 195 -7.64 5.00 26.46
N VAL B 196 -6.44 4.44 26.63
CA VAL B 196 -6.25 2.99 26.56
C VAL B 196 -5.60 2.44 27.84
N TYR B 197 -5.93 1.21 28.20
CA TYR B 197 -5.37 0.60 29.39
C TYR B 197 -4.65 -0.71 29.11
N PHE B 198 -3.42 -0.78 29.61
CA PHE B 198 -2.56 -1.93 29.40
C PHE B 198 -2.90 -2.91 30.51
N VAL B 199 -3.42 -4.06 30.12
CA VAL B 199 -3.70 -5.13 31.06
C VAL B 199 -2.37 -5.83 31.36
N ALA B 200 -1.95 -5.76 32.61
CA ALA B 200 -0.77 -6.50 33.06
C ALA B 200 -1.08 -7.31 34.31
N ASP B 201 -1.77 -8.42 34.13
CA ASP B 201 -2.25 -9.25 35.24
C ASP B 201 -1.89 -10.69 34.98
N GLN B 202 -1.25 -11.35 35.95
CA GLN B 202 -0.72 -12.71 35.71
C GLN B 202 -1.78 -13.74 35.28
N ARG B 203 -3.05 -13.47 35.63
CA ARG B 203 -4.20 -14.22 35.11
C ARG B 203 -4.38 -14.16 33.59
N GLY B 204 -4.01 -13.04 32.98
CA GLY B 204 -4.13 -12.87 31.54
C GLY B 204 -5.39 -12.11 31.20
N TYR B 205 -5.31 -11.31 30.14
CA TYR B 205 -6.45 -10.64 29.55
C TYR B 205 -7.51 -11.69 29.16
N GLU B 206 -7.07 -12.92 28.88
CA GLU B 206 -7.94 -14.07 28.64
C GLU B 206 -8.92 -14.33 29.80
N ALA B 207 -8.60 -13.77 30.96
CA ALA B 207 -9.50 -13.79 32.12
C ALA B 207 -10.94 -13.43 31.75
N VAL B 208 -11.10 -12.40 30.92
CA VAL B 208 -12.41 -11.89 30.54
C VAL B 208 -13.23 -12.96 29.81
N VAL B 209 -12.61 -13.66 28.87
CA VAL B 209 -13.29 -14.70 28.09
C VAL B 209 -13.69 -15.88 28.98
N TYR B 210 -12.79 -16.23 29.90
CA TYR B 210 -13.07 -17.27 30.91
C TYR B 210 -14.26 -16.90 31.78
N TYR B 211 -14.27 -15.65 32.22
CA TYR B 211 -15.36 -15.15 33.00
C TYR B 211 -16.71 -15.28 32.30
N LEU B 212 -16.78 -14.83 31.05
CA LEU B 212 -18.03 -14.86 30.30
C LEU B 212 -18.44 -16.29 30.02
N ALA B 213 -17.47 -17.10 29.59
CA ALA B 213 -17.66 -18.54 29.44
C ALA B 213 -18.31 -19.13 30.69
N GLY B 214 -17.94 -18.56 31.84
CA GLY B 214 -18.31 -19.12 33.12
C GLY B 214 -19.70 -18.74 33.58
N GLN B 215 -20.34 -17.83 32.85
CA GLN B 215 -21.73 -17.46 33.15
C GLN B 215 -22.72 -18.51 32.69
N TYR B 216 -22.44 -19.21 31.60
CA TYR B 216 -23.41 -20.14 31.02
C TYR B 216 -22.88 -21.58 30.91
N LEU B 217 -21.56 -21.76 31.01
CA LEU B 217 -21.01 -23.12 30.96
C LEU B 217 -20.62 -23.67 32.33
N LYS B 218 -20.86 -24.97 32.51
CA LYS B 218 -20.58 -25.67 33.74
C LYS B 218 -19.09 -25.65 34.07
N THR B 219 -18.76 -25.27 35.30
CA THR B 219 -17.36 -25.26 35.72
C THR B 219 -17.21 -26.14 36.93
N ASP B 220 -16.05 -26.76 37.06
CA ASP B 220 -15.82 -27.62 38.22
C ASP B 220 -15.80 -26.81 39.51
N ASP B 221 -16.64 -27.20 40.47
CA ASP B 221 -16.79 -26.52 41.74
C ASP B 221 -15.45 -26.47 42.49
N LYS B 222 -14.50 -27.39 42.26
CA LYS B 222 -13.25 -27.49 43.01
C LYS B 222 -12.10 -26.83 42.25
N SER B 223 -11.93 -27.05 40.98
CA SER B 223 -10.77 -26.59 40.20
C SER B 223 -11.08 -25.35 39.39
N GLY B 224 -12.36 -24.98 39.30
CA GLY B 224 -12.79 -23.87 38.45
C GLY B 224 -12.80 -24.09 36.94
N LYS B 225 -12.34 -25.26 36.46
CA LYS B 225 -12.19 -25.53 35.03
C LYS B 225 -13.55 -25.79 34.41
N ILE B 226 -13.80 -25.25 33.22
CA ILE B 226 -15.08 -25.50 32.52
C ILE B 226 -15.14 -26.98 32.21
N VAL B 227 -16.22 -27.62 32.64
CA VAL B 227 -16.42 -29.04 32.38
C VAL B 227 -17.70 -29.31 31.58
N ASP B 228 -18.44 -28.26 31.24
CA ASP B 228 -19.59 -28.38 30.36
C ASP B 228 -19.32 -29.22 29.12
N PRO B 229 -20.18 -30.25 28.89
CA PRO B 229 -20.15 -31.09 27.69
C PRO B 229 -20.29 -30.35 26.36
N ARG B 230 -20.81 -29.12 26.41
CA ARG B 230 -21.13 -28.39 25.19
C ARG B 230 -19.92 -27.65 24.60
N LEU B 231 -18.89 -27.40 25.42
CA LEU B 231 -17.55 -26.97 24.98
C LEU B 231 -16.70 -28.16 24.57
N GLN B 232 -16.16 -28.14 23.36
CA GLN B 232 -15.20 -29.16 22.93
C GLN B 232 -13.90 -28.62 22.29
N LEU B 233 -12.83 -28.64 23.08
CA LEU B 233 -11.50 -28.25 22.62
C LEU B 233 -10.87 -29.34 21.76
N ASN B 234 -9.80 -28.97 21.07
CA ASN B 234 -9.08 -29.86 20.15
C ASN B 234 -10.00 -30.44 19.11
N LYS B 235 -10.76 -29.56 18.48
CA LYS B 235 -11.76 -29.90 17.49
C LYS B 235 -11.54 -28.95 16.32
N VAL B 236 -10.71 -29.38 15.38
CA VAL B 236 -10.36 -28.56 14.23
C VAL B 236 -11.35 -28.85 13.11
N VAL B 237 -12.36 -27.98 12.98
CA VAL B 237 -13.32 -28.02 11.87
C VAL B 237 -12.65 -27.86 10.50
N ARG B 238 -12.94 -28.76 9.58
CA ARG B 238 -12.34 -28.72 8.25
C ARG B 238 -13.37 -28.63 7.15
N GLU B 239 -14.61 -28.99 7.46
CA GLU B 239 -15.68 -28.93 6.49
C GLU B 239 -16.99 -28.50 7.12
N ILE B 240 -17.65 -27.56 6.46
CA ILE B 240 -19.05 -27.29 6.68
C ILE B 240 -19.80 -27.60 5.39
N LYS B 241 -20.70 -28.57 5.50
CA LYS B 241 -21.70 -28.86 4.49
C LYS B 241 -23.02 -28.29 4.97
N TYR B 242 -23.62 -27.46 4.14
CA TYR B 242 -24.89 -26.83 4.46
C TYR B 242 -25.87 -27.07 3.33
N SER B 243 -27.08 -27.46 3.68
CA SER B 243 -28.19 -27.54 2.73
C SER B 243 -29.43 -26.91 3.40
N PRO B 244 -30.55 -26.75 2.64
CA PRO B 244 -31.73 -26.11 3.26
C PRO B 244 -32.24 -26.92 4.45
N GLY B 245 -32.03 -28.23 4.40
CA GLY B 245 -32.31 -29.11 5.53
C GLY B 245 -31.53 -28.82 6.81
N GLY B 246 -30.27 -28.41 6.68
CA GLY B 246 -29.42 -28.23 7.86
C GLY B 246 -27.95 -28.45 7.56
N VAL B 247 -27.09 -28.09 8.52
CA VAL B 247 -25.65 -28.17 8.32
C VAL B 247 -25.08 -29.45 8.93
N THR B 248 -24.00 -29.93 8.35
CA THR B 248 -23.12 -30.87 9.05
C THR B 248 -21.67 -30.37 9.07
N VAL B 249 -20.96 -30.70 10.15
CA VAL B 249 -19.60 -30.23 10.36
C VAL B 249 -18.65 -31.39 10.61
N LYS B 250 -17.42 -31.28 10.12
CA LYS B 250 -16.46 -32.35 10.25
C LYS B 250 -15.14 -31.81 10.73
N THR B 251 -14.65 -32.46 11.79
CA THR B 251 -13.43 -32.12 12.46
C THR B 251 -12.27 -32.82 11.77
N GLU B 252 -11.06 -32.55 12.25
CA GLU B 252 -9.87 -33.15 11.68
C GLU B 252 -9.67 -34.54 12.25
N ASP B 253 -10.18 -34.75 13.46
CA ASP B 253 -10.11 -36.06 14.09
C ASP B 253 -11.21 -36.94 13.52
N ASN B 254 -11.49 -36.75 12.24
CA ASN B 254 -12.53 -37.51 11.55
C ASN B 254 -13.83 -37.66 12.32
N SER B 255 -14.44 -36.56 12.68
CA SER B 255 -15.74 -36.57 13.32
C SER B 255 -16.77 -36.01 12.36
N VAL B 256 -18.04 -36.16 12.70
CA VAL B 256 -19.13 -35.58 11.92
C VAL B 256 -20.29 -35.16 12.81
N TYR B 257 -20.50 -33.85 12.89
CA TYR B 257 -21.57 -33.30 13.71
C TYR B 257 -22.65 -32.71 12.83
N SER B 258 -23.89 -32.99 13.19
CA SER B 258 -25.04 -32.45 12.47
C SER B 258 -25.70 -31.43 13.38
N ALA B 259 -26.04 -30.28 12.83
CA ALA B 259 -26.86 -29.32 13.58
C ALA B 259 -27.72 -28.46 12.65
N ASP B 260 -28.77 -27.86 13.22
CA ASP B 260 -29.67 -27.02 12.44
C ASP B 260 -28.95 -25.81 11.85
N TYR B 261 -27.97 -25.29 12.59
CA TYR B 261 -27.23 -24.11 12.20
C TYR B 261 -25.79 -24.17 12.68
N VAL B 262 -24.88 -23.61 11.87
CA VAL B 262 -23.51 -23.33 12.32
C VAL B 262 -23.20 -21.82 12.35
N MET B 263 -22.56 -21.39 13.45
CA MET B 263 -22.06 -20.04 13.66
C MET B 263 -20.52 -20.08 13.59
N VAL B 264 -19.93 -19.39 12.62
CA VAL B 264 -18.48 -19.48 12.41
C VAL B 264 -17.81 -18.25 13.03
N SER B 265 -16.85 -18.45 13.93
CA SER B 265 -16.14 -17.31 14.51
C SER B 265 -14.64 -17.23 14.16
N ALA B 266 -14.15 -18.19 13.37
CA ALA B 266 -12.79 -18.12 12.85
C ALA B 266 -12.45 -16.76 12.24
N SER B 267 -11.21 -16.33 12.43
CA SER B 267 -10.74 -15.06 11.88
C SER B 267 -11.00 -14.95 10.38
N LEU B 268 -11.22 -13.72 9.91
CA LEU B 268 -11.13 -13.39 8.49
C LEU B 268 -9.89 -14.01 7.80
N GLY B 269 -8.76 -14.04 8.51
CA GLY B 269 -7.56 -14.74 8.06
C GLY B 269 -7.83 -16.21 7.75
N VAL B 270 -8.44 -16.90 8.71
CA VAL B 270 -8.83 -18.31 8.53
C VAL B 270 -9.81 -18.47 7.36
N LEU B 271 -10.79 -17.59 7.26
CA LEU B 271 -11.70 -17.63 6.13
C LEU B 271 -10.94 -17.42 4.84
N GLN B 272 -9.90 -16.61 4.85
CA GLN B 272 -9.15 -16.35 3.62
C GLN B 272 -8.32 -17.56 3.22
N SER B 273 -7.89 -18.34 4.21
CA SER B 273 -7.17 -19.57 3.95
C SER B 273 -8.09 -20.68 3.46
N ASP B 274 -7.51 -21.82 3.09
CA ASP B 274 -8.31 -22.95 2.66
C ASP B 274 -8.89 -23.83 3.79
N LEU B 275 -8.63 -23.47 5.06
CA LEU B 275 -8.72 -24.43 6.17
C LEU B 275 -10.12 -25.04 6.36
N ILE B 276 -11.15 -24.19 6.44
CA ILE B 276 -12.54 -24.66 6.40
C ILE B 276 -13.11 -24.71 4.98
N GLN B 277 -13.21 -25.92 4.45
CA GLN B 277 -13.86 -26.14 3.17
C GLN B 277 -15.38 -26.02 3.30
N PHE B 278 -16.01 -25.20 2.45
CA PHE B 278 -17.49 -25.07 2.42
C PHE B 278 -18.16 -25.84 1.27
N LYS B 279 -19.19 -26.61 1.57
CA LYS B 279 -19.82 -27.37 0.51
C LYS B 279 -21.33 -27.27 0.62
N PRO B 280 -22.00 -26.59 -0.31
CA PRO B 280 -21.41 -25.99 -1.52
C PRO B 280 -20.46 -24.82 -1.23
N LYS B 281 -19.54 -24.54 -2.17
CA LYS B 281 -18.75 -23.32 -2.14
C LYS B 281 -19.63 -22.10 -1.89
N LEU B 282 -19.13 -21.17 -1.09
CA LEU B 282 -19.86 -19.95 -0.78
C LEU B 282 -20.09 -19.16 -2.06
N PRO B 283 -21.20 -18.40 -2.12
CA PRO B 283 -21.49 -17.54 -3.28
C PRO B 283 -20.41 -16.49 -3.56
N THR B 284 -20.26 -16.12 -4.83
CA THR B 284 -19.24 -15.15 -5.24
C THR B 284 -19.33 -13.83 -4.50
N TRP B 285 -20.53 -13.34 -4.24
CA TRP B 285 -20.62 -12.09 -3.51
C TRP B 285 -19.95 -12.22 -2.15
N LYS B 286 -20.21 -13.34 -1.48
CA LYS B 286 -19.61 -13.64 -0.19
C LYS B 286 -18.09 -13.83 -0.36
N VAL B 287 -17.71 -14.63 -1.36
CA VAL B 287 -16.30 -14.93 -1.60
C VAL B 287 -15.51 -13.64 -1.81
N ARG B 288 -16.09 -12.71 -2.58
CA ARG B 288 -15.45 -11.43 -2.87
C ARG B 288 -15.32 -10.53 -1.63
N ALA B 289 -16.42 -10.37 -0.87
CA ALA B 289 -16.38 -9.70 0.44
C ALA B 289 -15.20 -10.19 1.28
N ILE B 290 -15.11 -11.51 1.50
CA ILE B 290 -14.00 -12.13 2.25
C ILE B 290 -12.62 -11.65 1.77
N TYR B 291 -12.34 -11.75 0.46
CA TYR B 291 -10.98 -11.48 -0.02
C TYR B 291 -10.70 -10.00 -0.21
N GLN B 292 -11.77 -9.20 -0.28
CA GLN B 292 -11.65 -7.74 -0.35
C GLN B 292 -11.08 -7.17 0.94
N PHE B 293 -11.59 -7.61 2.09
CA PHE B 293 -11.14 -7.10 3.40
C PHE B 293 -9.75 -7.60 3.79
N ASP B 294 -9.12 -6.91 4.74
CA ASP B 294 -7.72 -7.14 5.12
C ASP B 294 -7.56 -7.82 6.46
N MET B 295 -6.80 -8.90 6.51
CA MET B 295 -6.37 -9.46 7.79
C MET B 295 -4.98 -8.94 8.18
N ALA B 296 -4.92 -7.90 9.02
CA ALA B 296 -3.62 -7.33 9.37
C ALA B 296 -2.78 -8.24 10.28
N VAL B 297 -1.47 -8.01 10.29
CA VAL B 297 -0.51 -8.75 11.16
C VAL B 297 0.26 -7.81 12.10
N TYR B 298 0.28 -8.14 13.39
CA TYR B 298 0.78 -7.24 14.45
C TYR B 298 1.67 -8.00 15.42
N THR B 299 2.98 -7.93 15.22
CA THR B 299 3.91 -8.74 16.01
C THR B 299 4.52 -8.06 17.24
N MET B 300 4.23 -8.62 18.41
CA MET B 300 4.83 -8.15 19.65
C MET B 300 6.09 -8.96 20.01
N ILE B 301 7.26 -8.50 19.57
CA ILE B 301 8.51 -9.12 19.96
C ILE B 301 8.91 -8.66 21.35
N PHE B 302 9.18 -9.63 22.23
CA PHE B 302 9.59 -9.41 23.64
C PHE B 302 11.06 -9.79 23.83
N LEU B 303 11.78 -8.98 24.62
CA LEU B 303 13.20 -9.25 24.88
C LEU B 303 13.58 -9.24 26.36
N LYS B 304 14.32 -10.26 26.78
CA LYS B 304 14.86 -10.34 28.15
C LYS B 304 16.35 -10.01 28.17
N PHE B 305 16.72 -9.18 29.16
CA PHE B 305 18.09 -8.70 29.27
C PHE B 305 18.74 -9.02 30.62
N PRO B 306 20.09 -9.12 30.65
CA PRO B 306 20.85 -9.28 31.88
C PRO B 306 20.68 -8.07 32.81
N ARG B 307 20.89 -6.88 32.26
CA ARG B 307 20.63 -5.60 32.96
C ARG B 307 19.88 -4.64 32.02
N LYS B 308 19.30 -3.58 32.56
CA LYS B 308 18.72 -2.56 31.72
C LYS B 308 19.77 -1.56 31.25
N PHE B 309 19.53 -0.95 30.09
CA PHE B 309 20.42 0.07 29.56
C PHE B 309 19.59 1.23 29.02
N TRP B 310 18.27 1.12 29.19
CA TRP B 310 17.32 2.09 28.67
C TRP B 310 16.87 2.97 29.83
N PRO B 311 16.59 4.24 29.54
CA PRO B 311 15.93 5.22 30.42
C PRO B 311 14.66 4.71 31.07
N GLU B 312 14.48 5.02 32.35
CA GLU B 312 13.20 4.83 33.03
C GLU B 312 12.78 6.11 33.78
N GLY B 313 11.56 6.13 34.32
CA GLY B 313 11.02 7.33 34.95
C GLY B 313 9.98 7.99 34.06
N LYS B 314 9.61 9.24 34.33
CA LYS B 314 8.40 9.84 33.73
C LYS B 314 8.46 9.81 32.21
N GLY B 315 7.41 9.28 31.57
CA GLY B 315 7.27 9.26 30.11
C GLY B 315 8.36 8.54 29.34
N ARG B 316 9.06 7.62 30.01
CA ARG B 316 10.07 6.79 29.34
C ARG B 316 9.49 5.50 28.74
N GLU B 317 8.18 5.32 28.89
CA GLU B 317 7.55 4.01 28.66
C GLU B 317 7.59 3.72 27.18
N PHE B 318 7.31 4.74 26.37
CA PHE B 318 7.23 4.55 24.93
C PHE B 318 8.33 5.33 24.27
N PHE B 319 9.19 4.63 23.55
CA PHE B 319 10.10 5.29 22.63
C PHE B 319 9.96 4.83 21.19
N LEU B 320 10.24 5.76 20.29
CA LEU B 320 10.28 5.45 18.88
C LEU B 320 11.72 5.39 18.41
N TYR B 321 11.95 4.57 17.40
CA TYR B 321 13.18 4.57 16.64
C TYR B 321 12.89 5.04 15.22
N ALA B 322 13.40 6.23 14.89
CA ALA B 322 13.15 6.87 13.60
C ALA B 322 14.14 6.39 12.56
N SER B 323 14.07 5.11 12.20
CA SER B 323 14.85 4.56 11.08
C SER B 323 14.48 5.16 9.72
N SER B 324 15.37 5.02 8.76
CA SER B 324 15.14 5.55 7.41
C SER B 324 14.40 4.52 6.56
N ARG B 325 14.26 3.33 7.12
CA ARG B 325 13.51 2.26 6.53
C ARG B 325 12.18 2.19 7.27
N ARG B 326 11.15 2.80 6.67
CA ARG B 326 9.86 2.96 7.31
C ARG B 326 9.43 1.67 8.00
N GLY B 327 9.10 1.78 9.30
CA GLY B 327 8.51 0.67 10.03
C GLY B 327 9.50 -0.37 10.50
N TYR B 328 10.79 -0.07 10.40
CA TYR B 328 11.81 -1.00 10.85
C TYR B 328 12.03 -0.92 12.36
N TYR B 329 11.61 -1.94 13.10
CA TYR B 329 11.67 -1.95 14.56
C TYR B 329 11.44 -0.60 15.25
N GLY B 330 10.40 0.12 14.83
CA GLY B 330 10.21 1.50 15.25
C GLY B 330 9.50 1.85 16.55
N VAL B 331 8.69 0.93 17.10
CA VAL B 331 7.88 1.25 18.29
C VAL B 331 8.28 0.38 19.50
N TRP B 332 8.65 1.04 20.60
CA TRP B 332 9.23 0.37 21.75
C TRP B 332 8.45 0.67 23.03
N GLN B 333 8.32 -0.36 23.87
CA GLN B 333 7.75 -0.24 25.21
C GLN B 333 8.70 -0.82 26.25
N GLU B 334 8.80 -0.10 27.37
CA GLU B 334 9.50 -0.60 28.57
C GLU B 334 8.57 -0.66 29.78
N PHE B 335 8.78 -1.65 30.65
CA PHE B 335 7.72 -2.08 31.55
C PHE B 335 8.05 -1.86 33.02
N GLU B 336 8.67 -0.71 33.29
CA GLU B 336 9.03 -0.35 34.66
C GLU B 336 7.83 -0.36 35.63
N LYS B 337 6.69 0.21 35.22
CA LYS B 337 5.45 0.03 35.97
C LYS B 337 5.00 -1.43 36.03
N GLN B 338 4.88 -2.07 34.86
CA GLN B 338 4.09 -3.29 34.75
C GLN B 338 4.85 -4.51 35.26
N TYR B 339 6.11 -4.64 34.88
CA TYR B 339 6.90 -5.81 35.22
C TYR B 339 8.19 -5.35 35.85
N PRO B 340 8.12 -4.86 37.10
CA PRO B 340 9.24 -4.11 37.68
C PRO B 340 10.43 -5.02 37.93
N ASP B 341 11.62 -4.46 37.77
CA ASP B 341 12.85 -5.27 37.83
C ASP B 341 12.88 -6.52 36.89
N ALA B 342 11.97 -6.59 35.91
CA ALA B 342 11.98 -7.66 34.88
C ALA B 342 13.13 -7.60 33.89
N ASN B 343 13.39 -6.43 33.32
CA ASN B 343 14.34 -6.24 32.19
C ASN B 343 13.82 -6.74 30.85
N VAL B 344 12.56 -6.41 30.58
CA VAL B 344 11.97 -6.72 29.29
C VAL B 344 11.84 -5.42 28.48
N LEU B 345 12.02 -5.53 27.17
CA LEU B 345 11.50 -4.54 26.24
C LEU B 345 10.57 -5.24 25.26
N LEU B 346 9.63 -4.47 24.72
CA LEU B 346 8.77 -4.90 23.63
C LEU B 346 8.98 -3.96 22.46
N VAL B 347 9.42 -4.50 21.33
CA VAL B 347 9.27 -3.81 20.05
C VAL B 347 8.08 -4.39 19.28
N THR B 348 7.33 -3.53 18.60
CA THR B 348 6.23 -3.97 17.78
C THR B 348 6.53 -3.76 16.30
N VAL B 349 6.48 -4.82 15.52
CA VAL B 349 6.42 -4.68 14.08
C VAL B 349 5.01 -5.02 13.58
N THR B 350 4.67 -4.56 12.39
CA THR B 350 3.43 -4.97 11.75
C THR B 350 3.67 -5.34 10.30
N ASP B 351 2.61 -5.83 9.66
CA ASP B 351 2.47 -5.87 8.20
C ASP B 351 3.65 -6.57 7.50
N GLU B 352 4.29 -5.84 6.60
CA GLU B 352 5.30 -6.41 5.72
C GLU B 352 6.50 -6.96 6.48
N GLU B 353 6.99 -6.17 7.43
CA GLU B 353 8.10 -6.54 8.29
C GLU B 353 7.73 -7.78 9.07
N SER B 354 6.51 -7.77 9.63
CA SER B 354 5.94 -8.92 10.32
C SER B 354 6.00 -10.21 9.52
N ARG B 355 5.65 -10.13 8.23
CA ARG B 355 5.70 -11.33 7.40
C ARG B 355 7.13 -11.79 7.10
N ARG B 356 8.07 -10.85 6.97
CA ARG B 356 9.48 -11.21 6.80
C ARG B 356 9.97 -11.87 8.07
N ILE B 357 9.90 -11.12 9.16
CA ILE B 357 10.37 -11.56 10.46
C ILE B 357 9.86 -12.98 10.78
N GLU B 358 8.54 -13.20 10.67
CA GLU B 358 7.93 -14.51 10.97
C GLU B 358 8.65 -15.67 10.30
N GLN B 359 9.13 -15.44 9.09
CA GLN B 359 9.71 -16.50 8.25
C GLN B 359 11.23 -16.68 8.38
N GLN B 360 11.83 -16.06 9.38
CA GLN B 360 13.19 -16.39 9.78
C GLN B 360 13.21 -16.91 11.23
N SER B 361 14.32 -17.52 11.65
CA SER B 361 14.46 -18.03 13.01
C SER B 361 14.45 -16.91 14.02
N ASP B 362 14.08 -17.24 15.25
CA ASP B 362 14.10 -16.29 16.36
C ASP B 362 15.45 -15.65 16.54
N GLU B 363 16.51 -16.41 16.25
CA GLU B 363 17.86 -15.96 16.56
C GLU B 363 18.32 -14.94 15.52
N GLN B 364 17.90 -15.17 14.27
CA GLN B 364 18.04 -14.20 13.21
C GLN B 364 17.48 -12.81 13.58
N THR B 365 16.25 -12.82 14.06
CA THR B 365 15.57 -11.62 14.51
C THR B 365 16.34 -10.96 15.67
N LYS B 366 16.67 -11.74 16.71
CA LYS B 366 17.36 -11.18 17.86
C LYS B 366 18.60 -10.41 17.39
N ALA B 367 19.34 -10.99 16.44
CA ALA B 367 20.54 -10.35 15.89
C ALA B 367 20.21 -8.96 15.34
N GLU B 368 19.25 -8.91 14.41
CA GLU B 368 18.75 -7.67 13.86
C GLU B 368 18.42 -6.63 14.93
N ILE B 369 17.67 -7.07 15.94
CA ILE B 369 17.18 -6.17 16.98
C ILE B 369 18.33 -5.65 17.85
N MET B 370 19.30 -6.54 18.12
CA MET B 370 20.48 -6.22 18.88
C MET B 370 21.27 -5.14 18.20
N GLN B 371 21.22 -5.15 16.88
CA GLN B 371 21.87 -4.16 16.06
C GLN B 371 21.19 -2.79 16.16
N VAL B 372 19.87 -2.77 16.04
CA VAL B 372 19.10 -1.54 16.18
C VAL B 372 19.35 -0.92 17.55
N LEU B 373 19.41 -1.78 18.57
CA LEU B 373 19.44 -1.31 19.94
C LEU B 373 20.81 -0.74 20.27
N ARG B 374 21.83 -1.27 19.63
CA ARG B 374 23.19 -0.79 19.82
C ARG B 374 23.47 0.52 19.09
N LYS B 375 22.82 0.71 17.93
CA LYS B 375 22.75 2.04 17.31
C LYS B 375 22.02 3.03 18.19
N MET B 376 20.98 2.56 18.87
CA MET B 376 20.10 3.45 19.62
C MET B 376 20.77 4.01 20.84
N PHE B 377 21.63 3.21 21.47
CA PHE B 377 22.26 3.55 22.75
C PHE B 377 23.76 3.37 22.61
N PRO B 378 24.40 4.22 21.79
CA PRO B 378 25.81 3.96 21.51
C PRO B 378 26.68 4.31 22.71
N GLY B 379 26.24 5.32 23.48
CA GLY B 379 26.69 5.55 24.84
C GLY B 379 26.72 4.27 25.65
N LYS B 380 25.57 3.72 26.02
CA LYS B 380 25.54 2.58 26.91
C LYS B 380 26.25 1.34 26.37
N ASP B 381 26.39 0.33 27.23
CA ASP B 381 26.99 -0.95 26.86
C ASP B 381 25.86 -1.95 26.90
N VAL B 382 25.51 -2.53 25.76
CA VAL B 382 24.18 -3.08 25.58
C VAL B 382 24.24 -4.62 25.47
N PRO B 383 23.92 -5.32 26.57
CA PRO B 383 24.11 -6.77 26.57
C PRO B 383 23.10 -7.48 25.67
N ASP B 384 23.56 -8.49 24.94
CA ASP B 384 22.68 -9.42 24.24
C ASP B 384 21.46 -9.81 25.05
N ALA B 385 20.33 -10.00 24.37
CA ALA B 385 19.13 -10.52 25.01
C ALA B 385 19.21 -12.04 25.28
N THR B 386 18.92 -12.40 26.51
CA THR B 386 18.91 -13.81 26.92
C THR B 386 17.66 -14.56 26.43
N ASP B 387 16.55 -13.86 26.24
CA ASP B 387 15.37 -14.46 25.65
C ASP B 387 14.71 -13.51 24.68
N ILE B 388 14.49 -13.98 23.45
CA ILE B 388 13.58 -13.32 22.53
C ILE B 388 12.31 -14.15 22.44
N LEU B 389 11.16 -13.51 22.23
CA LEU B 389 9.92 -14.22 21.96
C LEU B 389 9.20 -13.56 20.79
N VAL B 390 8.85 -14.34 19.77
CA VAL B 390 8.35 -13.79 18.49
C VAL B 390 7.05 -14.45 18.06
N PRO B 391 5.89 -13.88 18.47
CA PRO B 391 4.60 -14.53 18.23
C PRO B 391 4.25 -14.59 16.74
N ARG B 392 4.13 -15.81 16.21
CA ARG B 392 3.94 -15.98 14.77
C ARG B 392 2.45 -16.19 14.41
N TRP B 393 1.66 -15.12 14.57
CA TRP B 393 0.21 -15.20 14.43
C TRP B 393 -0.20 -15.45 12.98
N TRP B 394 0.51 -14.83 12.06
CA TRP B 394 0.25 -14.96 10.62
C TRP B 394 0.44 -16.41 10.17
N SER B 395 1.52 -17.01 10.66
CA SER B 395 1.86 -18.39 10.37
C SER B 395 1.00 -19.40 11.12
N ASP B 396 0.19 -18.95 12.07
CA ASP B 396 -0.71 -19.85 12.74
C ASP B 396 -1.99 -20.06 11.93
N ARG B 397 -2.23 -21.30 11.53
CA ARG B 397 -3.31 -21.61 10.62
C ARG B 397 -4.67 -21.45 11.24
N PHE B 398 -4.70 -21.12 12.52
CA PHE B 398 -5.95 -20.95 13.21
C PHE B 398 -6.31 -19.48 13.29
N TYR B 399 -5.39 -18.65 12.82
CA TYR B 399 -5.56 -17.22 12.92
C TYR B 399 -5.19 -16.49 11.64
N LYS B 400 -3.97 -16.70 11.16
CA LYS B 400 -3.54 -16.14 9.89
C LYS B 400 -3.43 -14.64 9.88
N GLY B 401 -3.13 -14.07 11.03
CA GLY B 401 -3.10 -12.63 11.25
C GLY B 401 -3.50 -12.26 12.67
N THR B 402 -3.64 -10.96 12.93
CA THR B 402 -3.92 -10.50 14.30
C THR B 402 -5.27 -9.83 14.45
N PHE B 403 -5.60 -8.90 13.55
CA PHE B 403 -6.96 -8.34 13.49
C PHE B 403 -7.25 -7.79 12.11
N SER B 404 -8.54 -7.63 11.80
CA SER B 404 -8.98 -7.02 10.54
C SER B 404 -8.57 -5.54 10.43
N ASN B 405 -8.49 -5.06 9.20
CA ASN B 405 -8.37 -3.64 8.98
C ASN B 405 -9.13 -3.24 7.73
N TRP B 406 -9.80 -2.10 7.81
CA TRP B 406 -10.72 -1.66 6.78
C TRP B 406 -10.02 -0.94 5.64
N PRO B 407 -9.96 -1.59 4.48
CA PRO B 407 -9.10 -1.11 3.40
C PRO B 407 -9.86 -0.18 2.49
N VAL B 408 -9.16 0.65 1.73
CA VAL B 408 -9.83 1.56 0.77
C VAL B 408 -10.43 0.78 -0.40
N GLY B 409 -11.73 0.96 -0.63
CA GLY B 409 -12.42 0.23 -1.68
C GLY B 409 -13.47 -0.72 -1.14
N VAL B 410 -13.59 -0.79 0.18
CA VAL B 410 -14.64 -1.56 0.78
C VAL B 410 -15.62 -0.55 1.35
N ASN B 411 -16.80 -0.45 0.76
CA ASN B 411 -17.85 0.38 1.35
C ASN B 411 -18.68 -0.40 2.36
N ARG B 412 -19.50 0.31 3.15
CA ARG B 412 -20.21 -0.33 4.26
C ARG B 412 -21.13 -1.43 3.72
N TYR B 413 -21.44 -1.33 2.43
CA TYR B 413 -22.24 -2.38 1.80
C TYR B 413 -21.53 -3.72 1.79
N GLU B 414 -20.42 -3.79 1.07
CA GLU B 414 -19.66 -5.05 0.96
C GLU B 414 -19.06 -5.54 2.29
N TYR B 415 -18.83 -4.61 3.21
CA TYR B 415 -18.58 -4.97 4.60
C TYR B 415 -19.70 -5.79 5.24
N ASP B 416 -20.93 -5.30 5.10
CA ASP B 416 -22.10 -6.00 5.66
C ASP B 416 -22.39 -7.34 4.97
N GLN B 417 -22.10 -7.41 3.67
CA GLN B 417 -21.99 -8.70 2.95
C GLN B 417 -21.08 -9.72 3.63
N LEU B 418 -19.94 -9.25 4.11
CA LEU B 418 -18.98 -10.06 4.86
C LEU B 418 -19.63 -10.70 6.06
N ARG B 419 -20.57 -9.99 6.66
CA ARG B 419 -21.18 -10.46 7.90
C ARG B 419 -22.47 -11.25 7.64
N ALA B 420 -23.01 -11.09 6.43
CA ALA B 420 -24.25 -11.73 5.99
C ALA B 420 -24.19 -13.27 6.01
N PRO B 421 -25.28 -13.92 6.50
CA PRO B 421 -25.39 -15.37 6.50
C PRO B 421 -25.52 -15.92 5.11
N VAL B 422 -24.97 -17.10 4.89
CA VAL B 422 -25.19 -17.86 3.67
C VAL B 422 -25.89 -19.15 4.05
N GLY B 423 -27.19 -19.24 3.77
CA GLY B 423 -28.00 -20.38 4.21
C GLY B 423 -28.15 -20.49 5.72
N ARG B 424 -27.90 -21.68 6.25
CA ARG B 424 -27.85 -21.87 7.69
C ARG B 424 -26.46 -21.58 8.25
N VAL B 425 -25.59 -21.00 7.43
CA VAL B 425 -24.24 -20.67 7.87
C VAL B 425 -24.16 -19.20 8.28
N TYR B 426 -23.76 -18.97 9.53
CA TYR B 426 -23.76 -17.66 10.14
C TYR B 426 -22.35 -17.31 10.59
N PHE B 427 -22.01 -16.03 10.53
CA PHE B 427 -20.66 -15.57 10.83
C PHE B 427 -20.64 -14.57 11.98
N THR B 428 -19.59 -14.63 12.81
CA THR B 428 -19.35 -13.62 13.82
C THR B 428 -17.84 -13.41 13.88
N GLY B 429 -17.38 -12.57 14.81
CA GLY B 429 -15.95 -12.27 14.95
C GLY B 429 -15.70 -10.78 14.85
N GLU B 430 -14.51 -10.32 15.23
CA GLU B 430 -14.24 -8.88 15.21
C GLU B 430 -14.42 -8.28 13.81
N HIS B 431 -14.21 -9.09 12.78
CA HIS B 431 -14.33 -8.63 11.41
C HIS B 431 -15.76 -8.39 10.97
N THR B 432 -16.73 -8.87 11.76
CA THR B 432 -18.15 -8.61 11.49
C THR B 432 -18.74 -7.52 12.39
N SER B 433 -17.93 -6.99 13.31
CA SER B 433 -18.34 -5.88 14.16
C SER B 433 -18.65 -4.63 13.35
N GLU B 434 -19.87 -4.12 13.51
CA GLU B 434 -20.35 -3.00 12.70
C GLU B 434 -19.45 -1.80 12.78
N HIS B 435 -18.92 -1.51 13.96
CA HIS B 435 -18.18 -0.27 14.22
C HIS B 435 -16.89 -0.47 15.01
N TYR B 436 -16.55 -1.70 15.37
CA TYR B 436 -15.35 -1.91 16.17
C TYR B 436 -14.54 -3.10 15.70
N ASN B 437 -14.50 -3.33 14.39
CA ASN B 437 -13.64 -4.37 13.85
C ASN B 437 -12.23 -4.20 14.42
N GLY B 438 -11.58 -5.33 14.69
CA GLY B 438 -10.22 -5.34 15.17
C GLY B 438 -10.01 -5.10 16.65
N TYR B 439 -11.07 -5.24 17.45
CA TYR B 439 -10.99 -5.00 18.90
C TYR B 439 -11.64 -6.08 19.73
N VAL B 440 -11.11 -6.29 20.94
CA VAL B 440 -11.72 -7.16 21.94
C VAL B 440 -13.19 -6.83 22.08
N HIS B 441 -13.53 -5.56 22.30
CA HIS B 441 -14.93 -5.19 22.43
C HIS B 441 -15.72 -5.42 21.13
N GLY B 442 -15.08 -5.09 20.00
CA GLY B 442 -15.57 -5.49 18.68
C GLY B 442 -15.98 -6.95 18.60
N ALA B 443 -15.04 -7.84 18.86
CA ALA B 443 -15.33 -9.27 18.89
C ALA B 443 -16.52 -9.56 19.82
N TYR B 444 -16.44 -9.05 21.05
CA TYR B 444 -17.47 -9.28 22.05
C TYR B 444 -18.88 -8.91 21.60
N LEU B 445 -19.03 -7.69 21.08
CA LEU B 445 -20.34 -7.21 20.66
C LEU B 445 -20.85 -7.93 19.40
N SER B 446 -19.96 -8.18 18.43
CA SER B 446 -20.30 -8.99 17.26
C SER B 446 -20.97 -10.32 17.63
N GLY B 447 -20.42 -10.98 18.67
CA GLY B 447 -21.01 -12.17 19.28
C GLY B 447 -22.51 -12.05 19.52
N ILE B 448 -22.87 -11.10 20.38
CA ILE B 448 -24.26 -10.67 20.53
C ILE B 448 -25.00 -10.39 19.18
N ASP B 449 -24.47 -9.50 18.34
CA ASP B 449 -25.21 -9.13 17.14
C ASP B 449 -25.47 -10.36 16.27
N SER B 450 -24.45 -11.21 16.09
CA SER B 450 -24.60 -12.34 15.19
C SER B 450 -25.58 -13.31 15.81
N ALA B 451 -25.43 -13.50 17.11
CA ALA B 451 -26.30 -14.40 17.86
C ALA B 451 -27.75 -14.05 17.56
N GLU B 452 -28.05 -12.74 17.62
CA GLU B 452 -29.41 -12.25 17.54
C GLU B 452 -30.01 -12.36 16.13
N ILE B 453 -29.19 -12.16 15.11
CA ILE B 453 -29.65 -12.44 13.75
C ILE B 453 -30.10 -13.89 13.65
N LEU B 454 -29.33 -14.81 14.25
CA LEU B 454 -29.70 -16.23 14.32
C LEU B 454 -30.88 -16.55 15.26
N ILE B 455 -30.93 -15.91 16.42
CA ILE B 455 -32.07 -16.09 17.34
C ILE B 455 -33.39 -15.76 16.65
N ASN B 456 -33.39 -14.67 15.90
CA ASN B 456 -34.50 -14.33 15.06
C ASN B 456 -34.88 -15.42 14.10
N CYS B 457 -33.87 -16.09 13.56
CA CYS B 457 -34.12 -17.14 12.61
C CYS B 457 -34.53 -18.45 13.26
N ALA B 458 -33.60 -19.06 13.99
CA ALA B 458 -33.77 -20.36 14.62
C ALA B 458 -35.04 -20.42 15.46
N GLN B 459 -35.28 -19.37 16.23
CA GLN B 459 -36.33 -19.40 17.24
C GLN B 459 -37.60 -18.64 16.80
N LYS B 460 -37.47 -17.38 16.43
CA LYS B 460 -38.62 -16.58 15.98
C LYS B 460 -39.02 -16.77 14.51
N LYS B 461 -38.18 -17.45 13.71
CA LYS B 461 -38.60 -17.95 12.40
C LYS B 461 -38.83 -16.86 11.34
N MET B 462 -38.41 -15.64 11.62
CA MET B 462 -37.99 -14.68 10.58
C MET B 462 -36.55 -14.96 10.11
N CYS B 463 -36.38 -15.13 8.79
CA CYS B 463 -35.17 -15.73 8.22
C CYS B 463 -34.51 -14.89 7.12
N LYS B 464 -35.26 -13.93 6.54
CA LYS B 464 -34.75 -13.06 5.49
C LYS B 464 -33.72 -12.07 6.05
N TYR B 465 -32.52 -12.09 5.50
CA TYR B 465 -31.49 -11.14 5.88
C TYR B 465 -31.39 -10.03 4.84
N HIS B 466 -31.44 -8.78 5.27
CA HIS B 466 -31.27 -7.71 4.28
C HIS B 466 -29.99 -6.87 4.40
N VAL B 467 -29.21 -6.84 3.33
CA VAL B 467 -27.97 -6.04 3.28
C VAL B 467 -28.22 -4.64 2.72
#